data_4RXQ
#
_entry.id   4RXQ
#
_cell.length_a   150.800
_cell.length_b   108.915
_cell.length_c   92.217
_cell.angle_alpha   90.00
_cell.angle_beta   122.73
_cell.angle_gamma   90.00
#
_symmetry.space_group_name_H-M   'C 1 2 1'
#
loop_
_entity.id
_entity.type
_entity.pdbx_description
1 polymer 'Deoxynucleoside triphosphate triphosphohydrolase SAMHD1'
2 non-polymer "GUANOSINE-5'-TRIPHOSPHATE"
3 non-polymer "DEOXYURIDINE-5'-TRIPHOSPHATE"
4 non-polymer 'MAGNESIUM ION'
5 water water
#
_entity_poly.entity_id   1
_entity_poly.type   'polypeptide(L)'
_entity_poly.pdbx_seq_one_letter_code
;MGSSHHHHHHSSGENLYFQGSQIHVDTMKVINDPIHGHIELHPLLVRIIDTPQFQRLRYIKQLGGGYYVFPGASHNRFEH
SLGVGYLAGCLVHALGEKQPELQISERDVLCVQIAGLCHDLGHGPFSHMFDGRFIPLARPEVKWTHEQGSVMMFEHLINS
NGIKPVMEQYGLIPEEDIYFIKEQIVGPLESPVEDSLWPYKGRPENKSFLYEIVSNKRNGIDVDKWDYFARDCHHLGIQN
NFDYKRFIKFARVCEVDNELRICARDKEVGNLYDMFHTRNSLHRRAYQHKVGNIIDTMITDAFLKADDYIEITGAGGKKY
RISTAIDDMEAYTKLTDNIFLEILYSTDPKLKDAREILKQIEYRNLFKYVGETQPTGQIKIKREDYESLPKEVASAKPKV
LLDVKLKAEDFIVDVINMDYGMQEKNPIDHVSFYCKTAPNRAIRITKNQVSQLLPEKFAEQLIRVYCKKVDRKSLYAARQ
YFVQWCADRNFTKPQDGDVIAPLITPQKKEWNDSTSVQNPTRLREASKSRVQLFKDDPM
;
_entity_poly.pdbx_strand_id   A,B
#
# COMPACT_ATOMS: atom_id res chain seq x y z
N THR A 27 10.55 7.85 26.22
CA THR A 27 9.32 8.67 26.00
C THR A 27 8.38 8.03 24.98
N MET A 28 7.09 8.14 25.24
CA MET A 28 6.11 7.61 24.31
C MET A 28 6.16 8.38 22.98
N LYS A 29 5.58 7.78 21.95
CA LYS A 29 5.49 8.36 20.62
C LYS A 29 4.05 8.45 20.18
N VAL A 30 3.76 9.47 19.40
CA VAL A 30 2.47 9.57 18.76
C VAL A 30 2.67 9.22 17.28
N ILE A 31 1.81 8.35 16.78
CA ILE A 31 1.83 7.92 15.39
C ILE A 31 0.45 8.15 14.76
N ASN A 32 0.44 8.66 13.52
CA ASN A 32 -0.80 8.89 12.79
C ASN A 32 -1.11 7.75 11.85
N ASP A 33 -2.17 7.03 12.19
CA ASP A 33 -2.69 5.98 11.36
C ASP A 33 -3.97 6.45 10.67
N PRO A 34 -4.14 6.18 9.34
CA PRO A 34 -5.34 6.64 8.65
C PRO A 34 -6.62 6.04 9.21
N ILE A 35 -6.56 4.84 9.75
CA ILE A 35 -7.75 4.21 10.30
C ILE A 35 -8.07 4.78 11.69
N HIS A 36 -7.10 4.74 12.60
CA HIS A 36 -7.36 5.08 14.00
C HIS A 36 -6.99 6.49 14.39
N GLY A 37 -6.40 7.23 13.47
CA GLY A 37 -5.92 8.54 13.80
C GLY A 37 -4.64 8.56 14.63
N HIS A 38 -4.47 9.60 15.43
CA HIS A 38 -3.29 9.78 16.23
C HIS A 38 -3.36 8.92 17.46
N ILE A 39 -2.45 7.98 17.56
CA ILE A 39 -2.43 7.06 18.67
C ILE A 39 -1.07 7.06 19.38
N GLU A 40 -1.10 6.74 20.67
CA GLU A 40 0.10 6.77 21.50
C GLU A 40 0.73 5.41 21.62
N LEU A 41 2.04 5.37 21.42
CA LEU A 41 2.80 4.15 21.62
C LEU A 41 3.67 4.27 22.85
N HIS A 42 3.36 3.47 23.86
CA HIS A 42 4.21 3.34 25.06
C HIS A 42 5.68 2.96 24.66
N PRO A 43 6.69 3.53 25.33
CA PRO A 43 8.09 3.27 24.94
C PRO A 43 8.50 1.81 24.85
N LEU A 44 7.87 0.96 25.65
CA LEU A 44 8.10 -0.47 25.56
C LEU A 44 7.60 -1.05 24.22
N LEU A 45 6.47 -0.56 23.75
CA LEU A 45 5.94 -0.97 22.44
C LEU A 45 6.89 -0.45 21.34
N VAL A 46 7.35 0.77 21.47
CA VAL A 46 8.30 1.32 20.51
C VAL A 46 9.54 0.42 20.42
N ARG A 47 10.02 -0.05 21.57
CA ARG A 47 11.24 -0.83 21.62
C ARG A 47 11.04 -2.14 20.87
N ILE A 48 9.86 -2.71 21.01
CA ILE A 48 9.50 -3.93 20.31
C ILE A 48 9.29 -3.71 18.79
N ILE A 49 8.70 -2.58 18.44
CA ILE A 49 8.40 -2.22 17.05
C ILE A 49 9.67 -1.97 16.23
N ASP A 50 10.63 -1.33 16.86
CA ASP A 50 11.85 -0.94 16.20
C ASP A 50 12.90 -2.07 16.26
N THR A 51 12.51 -3.23 15.76
CA THR A 51 13.38 -4.39 15.62
C THR A 51 13.24 -4.95 14.21
N PRO A 52 14.27 -5.66 13.71
CA PRO A 52 14.15 -6.26 12.38
C PRO A 52 12.99 -7.24 12.29
N GLN A 53 12.64 -7.84 13.42
CA GLN A 53 11.63 -8.88 13.45
C GLN A 53 10.24 -8.29 13.26
N PHE A 54 10.06 -7.07 13.73
CA PHE A 54 8.77 -6.45 13.63
C PHE A 54 8.67 -5.65 12.33
N GLN A 55 9.73 -4.93 12.02
CA GLN A 55 9.83 -4.13 10.82
C GLN A 55 9.67 -4.94 9.54
N ARG A 56 9.98 -6.22 9.65
CA ARG A 56 9.79 -7.19 8.61
C ARG A 56 8.36 -7.14 7.99
N LEU A 57 7.38 -6.87 8.86
CA LEU A 57 5.98 -6.86 8.47
C LEU A 57 5.63 -5.73 7.51
N ARG A 58 6.51 -4.77 7.34
CA ARG A 58 6.37 -3.77 6.31
C ARG A 58 6.47 -4.33 4.87
N TYR A 59 6.92 -5.59 4.72
CA TYR A 59 7.26 -6.15 3.40
C TYR A 59 6.41 -7.35 3.12
N ILE A 60 5.32 -7.45 3.85
CA ILE A 60 4.37 -8.50 3.66
C ILE A 60 2.96 -7.94 3.54
N LYS A 61 2.39 -8.06 2.35
CA LYS A 61 1.05 -7.53 2.05
C LYS A 61 -0.01 -8.25 2.83
N GLN A 62 -0.88 -7.47 3.44
CA GLN A 62 -1.98 -8.01 4.23
C GLN A 62 -2.80 -9.00 3.47
N LEU A 63 -3.20 -8.62 2.26
CA LEU A 63 -4.14 -9.43 1.47
C LEU A 63 -3.47 -10.25 0.36
N GLY A 64 -2.14 -10.31 0.38
CA GLY A 64 -1.39 -11.21 -0.52
C GLY A 64 -1.59 -10.83 -1.99
N GLY A 65 -2.11 -11.76 -2.77
CA GLY A 65 -2.39 -11.50 -4.19
C GLY A 65 -3.53 -10.50 -4.45
N GLY A 66 -4.29 -10.18 -3.40
CA GLY A 66 -5.43 -9.28 -3.51
C GLY A 66 -5.10 -7.97 -4.16
N TYR A 67 -3.91 -7.45 -3.90
CA TYR A 67 -3.42 -6.21 -4.50
C TYR A 67 -3.46 -6.25 -6.03
N TYR A 68 -3.33 -7.46 -6.60
CA TYR A 68 -3.35 -7.64 -8.06
C TYR A 68 -4.78 -7.63 -8.66
N VAL A 69 -5.79 -7.52 -7.79
CA VAL A 69 -7.21 -7.34 -8.19
C VAL A 69 -7.78 -6.01 -7.69
N PHE A 70 -7.40 -5.64 -6.47
CA PHE A 70 -7.77 -4.38 -5.82
C PHE A 70 -6.57 -3.46 -5.69
N PRO A 71 -6.43 -2.46 -6.58
CA PRO A 71 -5.22 -1.69 -6.57
C PRO A 71 -5.00 -0.83 -5.32
N GLY A 72 -6.02 -0.66 -4.50
CA GLY A 72 -5.87 0.09 -3.25
C GLY A 72 -5.28 -0.80 -2.14
N ALA A 73 -5.29 -2.11 -2.32
CA ALA A 73 -4.87 -3.08 -1.32
C ALA A 73 -3.36 -3.30 -1.28
N SER A 74 -2.65 -2.21 -1.16
CA SER A 74 -1.19 -2.19 -1.05
C SER A 74 -0.71 -2.25 0.43
N HIS A 75 -1.64 -2.29 1.36
CA HIS A 75 -1.31 -2.27 2.79
C HIS A 75 -0.62 -3.55 3.28
N ASN A 76 0.30 -3.35 4.20
CA ASN A 76 1.09 -4.43 4.79
C ASN A 76 0.69 -4.81 6.20
N ARG A 77 1.17 -5.95 6.64
CA ARG A 77 0.89 -6.47 7.97
C ARG A 77 1.30 -5.53 9.08
N PHE A 78 2.34 -4.75 8.84
CA PHE A 78 2.90 -3.82 9.80
C PHE A 78 1.83 -2.89 10.39
N GLU A 79 1.21 -2.11 9.51
CA GLU A 79 0.22 -1.12 9.92
C GLU A 79 -1.01 -1.79 10.55
N HIS A 80 -1.39 -2.97 10.07
CA HIS A 80 -2.45 -3.73 10.68
C HIS A 80 -2.08 -4.12 12.13
N SER A 81 -0.82 -4.54 12.33
CA SER A 81 -0.35 -4.98 13.65
C SER A 81 -0.33 -3.82 14.66
N LEU A 82 0.12 -2.65 14.22
CA LEU A 82 -0.01 -1.44 15.01
C LEU A 82 -1.45 -1.18 15.46
N GLY A 83 -2.40 -1.41 14.54
CA GLY A 83 -3.80 -1.16 14.79
C GLY A 83 -4.37 -2.13 15.80
N VAL A 84 -3.99 -3.39 15.68
CA VAL A 84 -4.43 -4.43 16.58
C VAL A 84 -3.90 -4.16 18.02
N GLY A 85 -2.63 -3.79 18.12
CA GLY A 85 -2.03 -3.44 19.39
C GLY A 85 -2.77 -2.27 20.05
N TYR A 86 -3.03 -1.23 19.25
CA TYR A 86 -3.80 -0.09 19.69
C TYR A 86 -5.21 -0.45 20.17
N LEU A 87 -5.96 -1.20 19.37
CA LEU A 87 -7.32 -1.53 19.76
C LEU A 87 -7.37 -2.45 21.00
N ALA A 88 -6.37 -3.32 21.14
CA ALA A 88 -6.28 -4.19 22.29
C ALA A 88 -6.17 -3.35 23.56
N GLY A 89 -5.26 -2.39 23.55
CA GLY A 89 -5.16 -1.42 24.60
C GLY A 89 -6.44 -0.66 24.87
N CYS A 90 -7.09 -0.18 23.79
CA CYS A 90 -8.35 0.55 23.91
C CYS A 90 -9.42 -0.26 24.62
N LEU A 91 -9.58 -1.52 24.22
CA LEU A 91 -10.62 -2.33 24.78
C LEU A 91 -10.32 -2.62 26.29
N VAL A 92 -9.08 -2.99 26.58
CA VAL A 92 -8.70 -3.32 27.97
C VAL A 92 -8.85 -2.12 28.87
N HIS A 93 -8.37 -0.97 28.42
CA HIS A 93 -8.54 0.27 29.15
C HIS A 93 -9.98 0.60 29.44
N ALA A 94 -10.85 0.45 28.45
CA ALA A 94 -12.27 0.81 28.64
C ALA A 94 -12.91 -0.10 29.65
N LEU A 95 -12.64 -1.38 29.54
CA LEU A 95 -13.22 -2.34 30.46
C LEU A 95 -12.79 -2.01 31.89
N GLY A 96 -11.52 -1.62 32.04
CA GLY A 96 -10.93 -1.30 33.35
C GLY A 96 -11.45 -0.01 33.96
N GLU A 97 -11.64 0.99 33.11
CA GLU A 97 -12.20 2.25 33.58
C GLU A 97 -13.63 2.08 34.09
N LYS A 98 -14.44 1.25 33.44
CA LYS A 98 -15.83 1.08 33.87
C LYS A 98 -15.94 0.12 35.06
N GLN A 99 -14.98 -0.79 35.21
CA GLN A 99 -15.04 -1.82 36.24
C GLN A 99 -13.70 -1.99 36.97
N PRO A 100 -13.38 -1.06 37.89
CA PRO A 100 -12.15 -1.14 38.68
C PRO A 100 -12.03 -2.46 39.43
N GLU A 101 -13.16 -3.09 39.75
CA GLU A 101 -13.17 -4.36 40.44
C GLU A 101 -12.48 -5.50 39.69
N LEU A 102 -12.23 -5.31 38.39
CA LEU A 102 -11.55 -6.34 37.59
C LEU A 102 -10.04 -6.36 37.85
N GLN A 103 -9.53 -5.28 38.42
CA GLN A 103 -8.12 -5.16 38.82
C GLN A 103 -7.18 -5.21 37.62
N ILE A 104 -7.58 -4.53 36.55
CA ILE A 104 -6.78 -4.44 35.33
C ILE A 104 -5.65 -3.47 35.60
N SER A 105 -4.43 -3.94 35.48
CA SER A 105 -3.25 -3.12 35.72
C SER A 105 -2.67 -2.60 34.42
N GLU A 106 -1.80 -1.60 34.51
CA GLU A 106 -1.10 -1.11 33.33
C GLU A 106 -0.22 -2.20 32.73
N ARG A 107 0.25 -3.09 33.60
CA ARG A 107 1.00 -4.26 33.17
C ARG A 107 0.16 -5.16 32.26
N ASP A 108 -1.04 -5.46 32.71
CA ASP A 108 -2.00 -6.20 31.93
C ASP A 108 -2.23 -5.50 30.57
N VAL A 109 -2.44 -4.20 30.59
CA VAL A 109 -2.68 -3.44 29.36
C VAL A 109 -1.51 -3.62 28.38
N LEU A 110 -0.29 -3.41 28.89
CA LEU A 110 0.92 -3.60 28.09
C LEU A 110 1.03 -4.98 27.50
N CYS A 111 0.71 -5.99 28.30
CA CYS A 111 0.83 -7.36 27.84
C CYS A 111 -0.14 -7.66 26.69
N VAL A 112 -1.34 -7.10 26.79
CA VAL A 112 -2.34 -7.30 25.75
C VAL A 112 -1.96 -6.49 24.50
N GLN A 113 -1.43 -5.30 24.70
CA GLN A 113 -0.95 -4.51 23.58
C GLN A 113 0.17 -5.21 22.81
N ILE A 114 1.09 -5.80 23.56
CA ILE A 114 2.20 -6.51 22.95
C ILE A 114 1.74 -7.70 22.18
N ALA A 115 0.77 -8.43 22.71
CA ALA A 115 0.25 -9.58 22.02
C ALA A 115 -0.45 -9.16 20.72
N GLY A 116 -1.12 -8.01 20.77
CA GLY A 116 -1.82 -7.46 19.61
C GLY A 116 -0.82 -7.12 18.52
N LEU A 117 0.23 -6.42 18.90
CA LEU A 117 1.32 -6.05 18.02
C LEU A 117 1.98 -7.23 17.37
N CYS A 118 2.17 -8.29 18.15
CA CYS A 118 3.02 -9.40 17.73
C CYS A 118 2.29 -10.58 17.20
N HIS A 119 0.96 -10.52 17.19
CA HIS A 119 0.14 -11.64 16.74
C HIS A 119 0.44 -12.12 15.30
N ASP A 120 0.81 -11.19 14.43
CA ASP A 120 1.09 -11.52 13.03
C ASP A 120 2.58 -11.68 12.67
N LEU A 121 3.44 -11.77 13.69
CA LEU A 121 4.88 -11.87 13.41
C LEU A 121 5.27 -13.07 12.55
N GLY A 122 4.47 -14.13 12.60
CA GLY A 122 4.77 -15.37 11.92
C GLY A 122 4.28 -15.49 10.48
N HIS A 123 3.61 -14.46 9.98
CA HIS A 123 3.17 -14.46 8.59
C HIS A 123 4.37 -14.50 7.65
N GLY A 124 4.21 -15.25 6.57
CA GLY A 124 5.20 -15.31 5.48
C GLY A 124 4.80 -14.47 4.28
N PRO A 125 5.59 -14.56 3.18
CA PRO A 125 5.26 -13.88 1.94
C PRO A 125 3.78 -14.00 1.55
N PHE A 126 3.15 -12.87 1.26
CA PHE A 126 1.72 -12.83 0.83
C PHE A 126 0.75 -13.40 1.84
N SER A 127 1.12 -13.27 3.11
CA SER A 127 0.27 -13.65 4.22
C SER A 127 -0.35 -15.03 4.08
N HIS A 128 -1.67 -15.11 3.96
CA HIS A 128 -2.33 -16.42 4.01
C HIS A 128 -1.97 -17.36 2.84
N MET A 129 -1.45 -16.84 1.75
CA MET A 129 -0.94 -17.68 0.68
C MET A 129 0.15 -18.63 1.21
N PHE A 130 0.99 -18.11 2.11
CA PHE A 130 2.18 -18.85 2.53
C PHE A 130 1.84 -20.10 3.34
N ASP A 131 1.05 -19.93 4.40
CA ASP A 131 0.68 -21.07 5.23
C ASP A 131 -0.56 -21.76 4.73
N GLY A 132 -1.36 -21.05 3.93
CA GLY A 132 -2.59 -21.62 3.37
C GLY A 132 -2.37 -22.47 2.12
N ARG A 133 -1.42 -22.06 1.27
CA ARG A 133 -1.19 -22.74 -0.01
C ARG A 133 0.21 -23.32 -0.14
N PHE A 134 1.22 -22.50 0.10
CA PHE A 134 2.60 -22.87 -0.25
C PHE A 134 3.18 -23.98 0.64
N ILE A 135 3.20 -23.77 1.96
CA ILE A 135 3.80 -24.71 2.87
C ILE A 135 3.16 -26.10 2.82
N PRO A 136 1.81 -26.18 2.81
CA PRO A 136 1.14 -27.48 2.64
C PRO A 136 1.55 -28.24 1.37
N LEU A 137 1.83 -27.53 0.29
CA LEU A 137 2.32 -28.17 -0.93
C LEU A 137 3.82 -28.45 -0.88
N ALA A 138 4.61 -27.48 -0.42
CA ALA A 138 6.07 -27.60 -0.43
C ALA A 138 6.60 -28.59 0.62
N ARG A 139 5.89 -28.74 1.73
CA ARG A 139 6.31 -29.62 2.84
C ARG A 139 5.12 -30.26 3.49
N PRO A 140 4.54 -31.28 2.84
CA PRO A 140 3.30 -31.87 3.31
C PRO A 140 3.42 -32.62 4.66
N GLU A 141 4.64 -33.03 5.00
CA GLU A 141 4.88 -33.76 6.25
C GLU A 141 4.73 -32.87 7.50
N VAL A 142 5.06 -31.58 7.36
CA VAL A 142 4.99 -30.66 8.51
C VAL A 142 3.59 -30.13 8.69
N LYS A 143 3.38 -29.54 9.85
CA LYS A 143 2.14 -28.89 10.19
C LYS A 143 2.54 -27.51 10.70
N TRP A 144 2.22 -26.49 9.92
CA TRP A 144 2.69 -25.13 10.17
C TRP A 144 1.52 -24.16 10.11
N THR A 145 1.53 -23.19 11.01
CA THR A 145 0.54 -22.12 11.02
C THR A 145 1.28 -20.84 11.30
N HIS A 146 0.76 -19.73 10.79
CA HIS A 146 1.42 -18.46 11.03
C HIS A 146 1.45 -18.14 12.52
N GLU A 147 0.43 -18.56 13.27
CA GLU A 147 0.36 -18.29 14.73
C GLU A 147 1.49 -18.98 15.50
N GLN A 148 1.80 -20.21 15.15
CA GLN A 148 2.97 -20.88 15.73
C GLN A 148 4.21 -20.09 15.37
N GLY A 149 4.26 -19.64 14.13
CA GLY A 149 5.37 -18.83 13.66
C GLY A 149 5.50 -17.55 14.45
N SER A 150 4.36 -17.00 14.85
CA SER A 150 4.38 -15.75 15.60
C SER A 150 5.04 -15.96 16.99
N VAL A 151 4.77 -17.11 17.61
CA VAL A 151 5.37 -17.44 18.91
C VAL A 151 6.89 -17.54 18.77
N MET A 152 7.33 -18.31 17.77
CA MET A 152 8.77 -18.48 17.50
C MET A 152 9.42 -17.17 17.17
N MET A 153 8.78 -16.39 16.30
CA MET A 153 9.35 -15.08 15.95
C MET A 153 9.34 -14.13 17.13
N PHE A 154 8.31 -14.22 17.96
CA PHE A 154 8.25 -13.38 19.16
C PHE A 154 9.42 -13.72 20.12
N GLU A 155 9.61 -15.01 20.36
CA GLU A 155 10.74 -15.48 21.18
C GLU A 155 12.05 -14.93 20.63
N HIS A 156 12.21 -15.00 19.31
CA HIS A 156 13.43 -14.55 18.63
C HIS A 156 13.62 -13.05 18.76
N LEU A 157 12.51 -12.33 18.63
CA LEU A 157 12.51 -10.89 18.80
C LEU A 157 12.99 -10.51 20.22
N ILE A 158 12.38 -11.13 21.22
CA ILE A 158 12.73 -10.84 22.62
C ILE A 158 14.23 -11.08 22.85
N ASN A 159 14.70 -12.26 22.48
CA ASN A 159 16.08 -12.68 22.78
C ASN A 159 17.16 -11.93 22.02
N SER A 160 16.89 -11.64 20.76
CA SER A 160 17.86 -10.95 19.90
C SER A 160 17.95 -9.46 20.18
N ASN A 161 16.96 -8.91 20.86
CA ASN A 161 16.92 -7.46 21.07
C ASN A 161 16.97 -7.03 22.55
N GLY A 162 17.24 -7.99 23.44
CA GLY A 162 17.36 -7.69 24.89
C GLY A 162 16.14 -6.99 25.45
N ILE A 163 14.97 -7.56 25.19
CA ILE A 163 13.69 -6.92 25.56
C ILE A 163 13.34 -7.16 27.03
N LYS A 164 13.77 -8.30 27.57
CA LYS A 164 13.40 -8.65 28.96
C LYS A 164 13.72 -7.57 29.98
N PRO A 165 14.95 -7.00 29.96
CA PRO A 165 15.23 -5.90 30.88
C PRO A 165 14.29 -4.73 30.69
N VAL A 166 13.91 -4.47 29.44
CA VAL A 166 13.05 -3.32 29.17
C VAL A 166 11.66 -3.61 29.72
N MET A 167 11.18 -4.83 29.54
CA MET A 167 9.92 -5.25 30.12
C MET A 167 9.93 -5.02 31.64
N GLU A 168 10.99 -5.48 32.30
CA GLU A 168 11.13 -5.35 33.76
C GLU A 168 11.06 -3.90 34.18
N GLN A 169 11.79 -3.06 33.47
CA GLN A 169 11.76 -1.63 33.70
C GLN A 169 10.35 -1.00 33.73
N TYR A 170 9.38 -1.62 33.05
CA TYR A 170 8.00 -1.09 33.01
C TYR A 170 6.99 -1.97 33.74
N GLY A 171 7.47 -2.72 34.71
CA GLY A 171 6.59 -3.45 35.61
C GLY A 171 6.16 -4.82 35.15
N LEU A 172 6.67 -5.26 34.00
CA LEU A 172 6.35 -6.59 33.55
C LEU A 172 7.24 -7.60 34.25
N ILE A 173 6.74 -8.82 34.38
CA ILE A 173 7.50 -9.95 34.91
C ILE A 173 7.70 -10.92 33.76
N PRO A 174 8.86 -10.82 33.08
CA PRO A 174 9.09 -11.45 31.78
C PRO A 174 8.71 -12.91 31.67
N GLU A 175 9.13 -13.74 32.62
CA GLU A 175 8.88 -15.19 32.50
C GLU A 175 7.38 -15.43 32.35
N GLU A 176 6.63 -14.90 33.32
CA GLU A 176 5.15 -14.98 33.31
C GLU A 176 4.50 -14.31 32.10
N ASP A 177 4.91 -13.08 31.83
CA ASP A 177 4.24 -12.24 30.86
C ASP A 177 4.55 -12.64 29.42
N ILE A 178 5.78 -13.08 29.17
CA ILE A 178 6.14 -13.63 27.86
C ILE A 178 5.27 -14.82 27.57
N TYR A 179 5.14 -15.69 28.56
CA TYR A 179 4.28 -16.85 28.44
C TYR A 179 2.82 -16.46 28.15
N PHE A 180 2.35 -15.47 28.86
CA PHE A 180 0.99 -14.93 28.71
C PHE A 180 0.76 -14.43 27.27
N ILE A 181 1.72 -13.66 26.78
CA ILE A 181 1.67 -13.10 25.44
C ILE A 181 1.55 -14.21 24.40
N LYS A 182 2.37 -15.24 24.54
CA LYS A 182 2.32 -16.37 23.63
C LYS A 182 0.97 -17.08 23.66
N GLU A 183 0.40 -17.23 24.86
CA GLU A 183 -0.91 -17.84 25.00
C GLU A 183 -1.99 -17.01 24.28
N GLN A 184 -1.92 -15.69 24.40
CA GLN A 184 -2.85 -14.79 23.70
C GLN A 184 -2.79 -14.98 22.19
N ILE A 185 -1.59 -15.26 21.69
CA ILE A 185 -1.34 -15.42 20.26
C ILE A 185 -1.81 -16.77 19.72
N VAL A 186 -1.38 -17.84 20.35
CA VAL A 186 -1.58 -19.17 19.80
C VAL A 186 -2.64 -20.00 20.55
N GLY A 187 -3.13 -19.51 21.68
CA GLY A 187 -4.02 -20.29 22.54
C GLY A 187 -3.24 -21.10 23.57
N PRO A 188 -3.90 -22.05 24.25
CA PRO A 188 -3.24 -22.83 25.31
C PRO A 188 -1.99 -23.55 24.81
N LEU A 189 -0.92 -23.50 25.59
CA LEU A 189 0.37 -24.09 25.20
C LEU A 189 0.56 -25.56 25.62
N GLU A 190 -0.53 -26.21 26.03
CA GLU A 190 -0.48 -27.63 26.45
C GLU A 190 -1.78 -28.36 26.12
N SER A 191 -1.81 -29.67 26.35
CA SER A 191 -3.01 -30.49 26.22
C SER A 191 -3.88 -30.36 27.46
N LEU A 197 -11.50 -27.31 32.86
CA LEU A 197 -10.27 -27.07 33.61
C LEU A 197 -9.53 -25.89 32.96
N TRP A 198 -9.08 -24.93 33.77
CA TRP A 198 -8.45 -23.69 33.26
C TRP A 198 -7.07 -23.97 32.65
N PRO A 199 -6.94 -23.89 31.31
CA PRO A 199 -5.73 -24.34 30.62
C PRO A 199 -4.63 -23.28 30.44
N TYR A 200 -4.83 -22.10 31.00
CA TYR A 200 -3.88 -21.01 30.83
C TYR A 200 -3.07 -20.78 32.10
N LYS A 201 -1.80 -20.41 31.94
CA LYS A 201 -0.89 -20.12 33.07
C LYS A 201 -0.58 -18.64 33.25
N GLY A 202 -0.62 -17.87 32.16
CA GLY A 202 -0.15 -16.49 32.21
C GLY A 202 -1.01 -15.63 33.11
N ARG A 203 -2.30 -15.93 33.11
CA ARG A 203 -3.29 -15.21 33.92
C ARG A 203 -4.37 -16.18 34.40
N PRO A 204 -4.98 -15.87 35.55
CA PRO A 204 -6.01 -16.74 36.14
C PRO A 204 -7.43 -16.52 35.61
N GLU A 205 -8.34 -17.36 36.05
CA GLU A 205 -9.75 -17.33 35.60
C GLU A 205 -10.42 -15.96 35.73
N ASN A 206 -10.07 -15.23 36.78
CA ASN A 206 -10.68 -13.91 37.03
C ASN A 206 -10.15 -12.82 36.07
N LYS A 207 -9.19 -13.19 35.23
CA LYS A 207 -8.76 -12.36 34.10
C LYS A 207 -8.87 -13.11 32.77
N SER A 208 -9.83 -14.03 32.73
CA SER A 208 -10.13 -14.80 31.53
C SER A 208 -10.37 -13.88 30.34
N PHE A 209 -11.09 -12.80 30.60
CA PHE A 209 -11.46 -11.82 29.59
C PHE A 209 -10.26 -11.24 28.83
N LEU A 210 -9.08 -11.25 29.45
CA LEU A 210 -7.86 -10.80 28.80
C LEU A 210 -7.46 -11.68 27.61
N TYR A 211 -7.80 -12.97 27.67
CA TYR A 211 -7.55 -13.90 26.56
C TYR A 211 -8.55 -13.80 25.39
N GLU A 212 -9.56 -12.96 25.54
CA GLU A 212 -10.61 -12.78 24.52
C GLU A 212 -10.36 -11.55 23.63
N ILE A 213 -9.27 -10.82 23.88
CA ILE A 213 -9.09 -9.51 23.30
C ILE A 213 -8.38 -9.55 21.94
N VAL A 214 -7.27 -10.26 21.84
CA VAL A 214 -6.49 -10.23 20.63
C VAL A 214 -6.97 -11.27 19.66
N SER A 215 -7.02 -12.50 20.14
CA SER A 215 -7.47 -13.60 19.35
C SER A 215 -8.44 -14.42 20.18
N ASN A 216 -9.71 -14.25 19.88
CA ASN A 216 -10.78 -14.88 20.65
C ASN A 216 -11.11 -16.23 20.07
N LYS A 217 -10.59 -17.28 20.72
CA LYS A 217 -10.75 -18.65 20.24
C LYS A 217 -12.14 -19.17 20.55
N ARG A 218 -12.85 -18.53 21.49
CA ARG A 218 -14.16 -19.03 21.89
C ARG A 218 -15.27 -18.64 20.93
N ASN A 219 -15.30 -17.38 20.52
CA ASN A 219 -16.35 -16.94 19.60
C ASN A 219 -15.90 -16.01 18.46
N GLY A 220 -14.61 -15.74 18.36
CA GLY A 220 -14.04 -14.93 17.28
C GLY A 220 -14.27 -13.44 17.36
N ILE A 221 -14.84 -12.96 18.46
CA ILE A 221 -15.01 -11.54 18.68
C ILE A 221 -13.75 -10.97 19.29
N ASP A 222 -12.96 -10.31 18.46
CA ASP A 222 -11.71 -9.78 18.93
C ASP A 222 -11.35 -8.54 18.15
N VAL A 223 -10.31 -7.88 18.61
CA VAL A 223 -9.90 -6.61 18.04
C VAL A 223 -9.15 -6.76 16.71
N ASP A 224 -8.71 -7.98 16.41
CA ASP A 224 -8.02 -8.27 15.17
C ASP A 224 -8.99 -8.01 14.02
N LYS A 225 -10.17 -8.62 14.09
CA LYS A 225 -11.27 -8.36 13.15
C LYS A 225 -11.59 -6.91 13.03
N TRP A 226 -11.67 -6.23 14.16
CA TRP A 226 -12.07 -4.85 14.19
C TRP A 226 -11.12 -4.00 13.40
N ASP A 227 -9.83 -4.29 13.49
CA ASP A 227 -8.88 -3.51 12.74
C ASP A 227 -8.96 -3.87 11.26
N TYR A 228 -9.01 -5.16 10.92
CA TYR A 228 -8.92 -5.53 9.52
C TYR A 228 -10.19 -5.19 8.74
N PHE A 229 -11.37 -5.30 9.37
CA PHE A 229 -12.61 -4.78 8.76
C PHE A 229 -12.42 -3.36 8.26
N ALA A 230 -11.97 -2.52 9.17
CA ALA A 230 -11.86 -1.09 8.92
C ALA A 230 -10.71 -0.79 7.96
N ARG A 231 -9.57 -1.44 8.19
CA ARG A 231 -8.39 -1.19 7.39
C ARG A 231 -8.56 -1.75 5.97
N ASP A 232 -8.98 -2.99 5.87
CA ASP A 232 -9.11 -3.60 4.54
C ASP A 232 -10.16 -2.83 3.72
N CYS A 233 -11.27 -2.46 4.36
CA CYS A 233 -12.31 -1.68 3.69
C CYS A 233 -11.80 -0.36 3.13
N HIS A 234 -11.00 0.33 3.93
CA HIS A 234 -10.39 1.61 3.56
C HIS A 234 -9.49 1.49 2.30
N HIS A 235 -8.80 0.37 2.20
CA HIS A 235 -7.88 0.18 1.08
C HIS A 235 -8.56 -0.47 -0.13
N LEU A 236 -9.50 -1.36 0.13
CA LEU A 236 -10.19 -2.08 -0.91
C LEU A 236 -11.15 -1.17 -1.71
N GLY A 237 -11.70 -0.14 -1.09
CA GLY A 237 -12.79 0.62 -1.69
C GLY A 237 -14.14 -0.07 -1.50
N ILE A 238 -14.27 -0.83 -0.42
CA ILE A 238 -15.54 -1.39 0.02
C ILE A 238 -15.79 -0.79 1.37
N GLN A 239 -17.04 -0.45 1.67
CA GLN A 239 -17.36 0.27 2.91
C GLN A 239 -17.57 -0.66 4.10
N ASN A 240 -17.06 -0.26 5.26
CA ASN A 240 -17.27 -1.04 6.48
C ASN A 240 -18.64 -0.71 7.10
N ASN A 241 -19.40 -1.71 7.48
CA ASN A 241 -20.67 -1.51 8.20
C ASN A 241 -20.72 -2.01 9.68
N PHE A 242 -19.56 -2.35 10.25
CA PHE A 242 -19.47 -2.71 11.68
C PHE A 242 -18.90 -1.56 12.49
N ASP A 243 -19.49 -1.32 13.67
CA ASP A 243 -19.08 -0.21 14.55
C ASP A 243 -18.45 -0.74 15.87
N TYR A 244 -17.13 -0.78 15.89
CA TYR A 244 -16.42 -1.38 17.01
C TYR A 244 -16.50 -0.48 18.23
N LYS A 245 -16.50 0.82 18.03
CA LYS A 245 -16.64 1.75 19.14
C LYS A 245 -17.96 1.56 19.86
N ARG A 246 -19.02 1.27 19.11
CA ARG A 246 -20.33 1.02 19.73
C ARG A 246 -20.21 -0.24 20.57
N PHE A 247 -19.62 -1.28 19.99
CA PHE A 247 -19.47 -2.54 20.72
C PHE A 247 -18.78 -2.30 22.07
N ILE A 248 -17.70 -1.53 22.07
CA ILE A 248 -16.94 -1.25 23.29
C ILE A 248 -17.83 -0.61 24.37
N LYS A 249 -18.67 0.34 23.97
CA LYS A 249 -19.61 0.98 24.88
C LYS A 249 -20.66 0.04 25.45
N PHE A 250 -20.92 -1.05 24.75
CA PHE A 250 -21.94 -1.99 25.18
C PHE A 250 -21.32 -3.32 25.57
N ALA A 251 -20.11 -3.24 26.12
CA ALA A 251 -19.41 -4.42 26.56
C ALA A 251 -19.12 -4.29 28.06
N ARG A 252 -19.27 -5.41 28.76
CA ARG A 252 -18.99 -5.47 30.19
C ARG A 252 -18.36 -6.82 30.48
N VAL A 253 -17.81 -6.95 31.66
CA VAL A 253 -17.29 -8.24 32.09
C VAL A 253 -18.16 -8.78 33.21
N CYS A 254 -18.63 -10.00 33.02
CA CYS A 254 -19.54 -10.67 33.94
C CYS A 254 -19.04 -12.07 34.23
N GLU A 255 -19.49 -12.60 35.37
CA GLU A 255 -19.18 -13.98 35.75
C GLU A 255 -19.93 -14.94 34.86
N VAL A 256 -19.19 -15.84 34.25
CA VAL A 256 -19.74 -16.93 33.48
C VAL A 256 -18.93 -18.15 33.91
N ASP A 257 -19.57 -19.08 34.62
CA ASP A 257 -18.89 -20.30 35.11
C ASP A 257 -17.52 -20.08 35.75
N ASN A 258 -17.42 -19.27 36.80
CA ASN A 258 -16.13 -19.05 37.49
C ASN A 258 -15.11 -18.22 36.73
N GLU A 259 -15.40 -17.91 35.47
CA GLU A 259 -14.53 -17.00 34.73
C GLU A 259 -15.18 -15.65 34.70
N LEU A 260 -14.35 -14.62 34.59
CA LEU A 260 -14.85 -13.31 34.25
C LEU A 260 -14.66 -13.11 32.74
N ARG A 261 -15.79 -13.00 32.04
CA ARG A 261 -15.82 -12.94 30.57
C ARG A 261 -16.50 -11.69 30.03
N ILE A 262 -16.05 -11.27 28.85
CA ILE A 262 -16.65 -10.15 28.15
C ILE A 262 -18.06 -10.53 27.75
N CYS A 263 -19.00 -9.67 28.06
CA CYS A 263 -20.40 -9.87 27.67
C CYS A 263 -20.90 -8.67 26.91
N ALA A 264 -21.79 -8.91 25.96
CA ALA A 264 -22.37 -7.83 25.16
C ALA A 264 -23.78 -7.50 25.67
N ARG A 265 -24.15 -6.24 25.62
CA ARG A 265 -25.53 -5.85 25.89
C ARG A 265 -26.48 -6.68 25.01
N ASP A 266 -27.56 -7.19 25.62
CA ASP A 266 -28.49 -8.06 24.94
C ASP A 266 -29.01 -7.51 23.59
N LYS A 267 -29.37 -6.24 23.55
CA LYS A 267 -29.98 -5.70 22.33
C LYS A 267 -28.98 -5.53 21.18
N GLU A 268 -27.69 -5.66 21.48
CA GLU A 268 -26.63 -5.70 20.46
C GLU A 268 -26.49 -7.02 19.71
N VAL A 269 -27.33 -8.00 20.03
CA VAL A 269 -27.22 -9.31 19.40
C VAL A 269 -27.37 -9.22 17.87
N GLY A 270 -28.27 -8.34 17.42
CA GLY A 270 -28.45 -8.09 15.98
C GLY A 270 -27.14 -7.61 15.36
N ASN A 271 -26.53 -6.63 15.98
CA ASN A 271 -25.26 -6.10 15.52
C ASN A 271 -24.11 -7.12 15.53
N LEU A 272 -24.18 -8.08 16.44
CA LEU A 272 -23.17 -9.15 16.49
C LEU A 272 -23.32 -10.10 15.33
N TYR A 273 -24.54 -10.52 15.04
CA TYR A 273 -24.78 -11.29 13.82
C TYR A 273 -24.25 -10.50 12.60
N ASP A 274 -24.53 -9.21 12.54
CA ASP A 274 -24.07 -8.39 11.42
C ASP A 274 -22.54 -8.34 11.30
N MET A 275 -21.86 -8.39 12.45
CA MET A 275 -20.39 -8.46 12.47
C MET A 275 -19.90 -9.67 11.68
N PHE A 276 -20.49 -10.82 11.92
CA PHE A 276 -20.06 -12.03 11.22
C PHE A 276 -20.51 -12.04 9.77
N HIS A 277 -21.63 -11.37 9.51
CA HIS A 277 -22.10 -11.17 8.14
C HIS A 277 -21.10 -10.31 7.35
N THR A 278 -20.60 -9.27 7.98
CA THR A 278 -19.58 -8.40 7.39
C THR A 278 -18.31 -9.18 7.04
N ARG A 279 -17.81 -9.95 8.01
CA ARG A 279 -16.69 -10.85 7.76
C ARG A 279 -16.91 -11.71 6.51
N ASN A 280 -18.07 -12.35 6.45
CA ASN A 280 -18.40 -13.22 5.32
C ASN A 280 -18.50 -12.45 3.99
N SER A 281 -19.04 -11.24 4.02
CA SER A 281 -19.13 -10.41 2.81
C SER A 281 -17.75 -10.00 2.30
N LEU A 282 -16.85 -9.71 3.23
CA LEU A 282 -15.48 -9.37 2.85
C LEU A 282 -14.73 -10.56 2.23
N HIS A 283 -14.91 -11.73 2.78
CA HIS A 283 -14.35 -12.94 2.17
C HIS A 283 -14.94 -13.16 0.76
N ARG A 284 -16.25 -12.97 0.67
CA ARG A 284 -16.96 -13.17 -0.57
C ARG A 284 -16.54 -12.20 -1.64
N ARG A 285 -16.48 -10.92 -1.31
CA ARG A 285 -16.19 -9.90 -2.29
C ARG A 285 -14.70 -9.79 -2.61
N ALA A 286 -13.87 -9.91 -1.58
CA ALA A 286 -12.48 -9.55 -1.69
C ALA A 286 -11.51 -10.73 -1.44
N TYR A 287 -11.55 -11.33 -0.25
CA TYR A 287 -10.47 -12.23 0.15
C TYR A 287 -10.48 -13.53 -0.66
N GLN A 288 -11.66 -14.00 -1.00
CA GLN A 288 -11.81 -15.16 -1.88
C GLN A 288 -12.19 -14.79 -3.34
N HIS A 289 -11.80 -13.60 -3.77
CA HIS A 289 -12.06 -13.19 -5.14
C HIS A 289 -11.47 -14.25 -6.09
N LYS A 290 -12.26 -14.68 -7.07
CA LYS A 290 -11.89 -15.81 -7.93
C LYS A 290 -10.56 -15.59 -8.66
N VAL A 291 -10.31 -14.36 -9.06
CA VAL A 291 -9.03 -13.98 -9.66
C VAL A 291 -7.89 -13.78 -8.64
N GLY A 292 -8.17 -13.14 -7.51
CA GLY A 292 -7.19 -13.03 -6.43
C GLY A 292 -6.64 -14.40 -6.06
N ASN A 293 -7.53 -15.37 -5.90
CA ASN A 293 -7.15 -16.73 -5.55
C ASN A 293 -6.29 -17.42 -6.62
N ILE A 294 -6.57 -17.14 -7.89
CA ILE A 294 -5.79 -17.77 -8.96
C ILE A 294 -4.42 -17.12 -9.03
N ILE A 295 -4.35 -15.84 -8.71
CA ILE A 295 -3.05 -15.20 -8.60
C ILE A 295 -2.19 -15.77 -7.45
N ASP A 296 -2.82 -16.04 -6.32
CA ASP A 296 -2.15 -16.68 -5.19
C ASP A 296 -1.67 -18.07 -5.60
N THR A 297 -2.51 -18.77 -6.34
CA THR A 297 -2.20 -20.09 -6.86
C THR A 297 -0.97 -20.05 -7.75
N MET A 298 -0.94 -19.06 -8.63
CA MET A 298 0.15 -18.95 -9.59
C MET A 298 1.44 -18.53 -8.92
N ILE A 299 1.35 -17.57 -8.01
CA ILE A 299 2.51 -17.19 -7.21
C ILE A 299 3.06 -18.41 -6.48
N THR A 300 2.17 -19.19 -5.90
CA THR A 300 2.57 -20.37 -5.13
C THR A 300 3.29 -21.39 -6.03
N ASP A 301 2.78 -21.56 -7.25
CA ASP A 301 3.41 -22.44 -8.24
C ASP A 301 4.82 -21.97 -8.52
N ALA A 302 4.99 -20.66 -8.66
CA ALA A 302 6.30 -20.09 -8.94
C ALA A 302 7.27 -20.34 -7.77
N PHE A 303 6.79 -20.14 -6.55
CA PHE A 303 7.58 -20.42 -5.34
C PHE A 303 8.01 -21.89 -5.31
N LEU A 304 7.06 -22.78 -5.61
CA LEU A 304 7.34 -24.21 -5.67
C LEU A 304 8.44 -24.55 -6.68
N LYS A 305 8.38 -23.93 -7.84
CA LYS A 305 9.40 -24.15 -8.88
C LYS A 305 10.72 -23.47 -8.58
N ALA A 306 10.70 -22.49 -7.67
CA ALA A 306 11.91 -21.79 -7.25
C ALA A 306 12.55 -22.40 -6.00
N ASP A 307 11.80 -23.20 -5.26
CA ASP A 307 12.18 -23.57 -3.89
C ASP A 307 13.54 -24.29 -3.79
N ASP A 308 13.85 -25.11 -4.79
CA ASP A 308 15.13 -25.84 -4.85
C ASP A 308 16.35 -24.95 -5.08
N TYR A 309 16.15 -23.72 -5.53
CA TYR A 309 17.25 -22.90 -6.04
C TYR A 309 17.51 -21.61 -5.29
N ILE A 310 16.54 -21.14 -4.52
CA ILE A 310 16.75 -19.91 -3.76
C ILE A 310 17.30 -20.25 -2.39
N GLU A 311 18.25 -19.43 -1.97
CA GLU A 311 19.00 -19.66 -0.73
C GLU A 311 18.82 -18.48 0.19
N ILE A 312 18.43 -18.78 1.42
CA ILE A 312 18.31 -17.75 2.43
C ILE A 312 19.22 -18.13 3.60
N THR A 313 20.11 -17.22 3.94
CA THR A 313 21.10 -17.48 4.98
C THR A 313 20.51 -17.17 6.36
N GLY A 314 20.57 -18.18 7.22
CA GLY A 314 20.06 -18.11 8.58
C GLY A 314 21.14 -18.12 9.63
N ALA A 315 20.82 -18.68 10.79
CA ALA A 315 21.73 -18.69 11.94
C ALA A 315 23.01 -19.47 11.64
N GLY A 316 24.15 -18.85 11.98
CA GLY A 316 25.47 -19.44 11.78
C GLY A 316 25.81 -19.77 10.34
N GLY A 317 25.33 -18.93 9.43
CA GLY A 317 25.57 -19.10 7.99
C GLY A 317 24.83 -20.24 7.30
N LYS A 318 24.08 -21.05 8.04
CA LYS A 318 23.33 -22.16 7.45
C LYS A 318 22.41 -21.68 6.34
N LYS A 319 22.23 -22.52 5.34
CA LYS A 319 21.42 -22.18 4.19
C LYS A 319 20.03 -22.77 4.32
N TYR A 320 19.03 -21.99 3.96
CA TYR A 320 17.67 -22.49 3.97
C TYR A 320 16.96 -22.22 2.65
N ARG A 321 15.88 -22.93 2.44
CA ARG A 321 15.03 -22.70 1.27
C ARG A 321 13.77 -21.96 1.70
N ILE A 322 13.00 -21.49 0.72
CA ILE A 322 11.73 -20.81 1.01
C ILE A 322 10.90 -21.69 1.92
N SER A 323 10.84 -22.98 1.61
CA SER A 323 10.04 -23.91 2.38
C SER A 323 10.63 -24.29 3.75
N THR A 324 11.94 -24.10 3.94
CA THR A 324 12.59 -24.49 5.20
C THR A 324 12.99 -23.30 6.07
N ALA A 325 12.83 -22.08 5.57
CA ALA A 325 13.10 -20.89 6.35
C ALA A 325 12.24 -20.79 7.61
N ILE A 326 11.09 -21.46 7.61
CA ILE A 326 10.23 -21.50 8.79
C ILE A 326 10.88 -22.19 10.01
N ASP A 327 11.95 -22.95 9.76
CA ASP A 327 12.69 -23.67 10.78
C ASP A 327 13.78 -22.83 11.44
N ASP A 328 14.05 -21.66 10.89
CA ASP A 328 15.09 -20.79 11.42
C ASP A 328 14.67 -19.33 11.35
N MET A 329 14.42 -18.75 12.53
CA MET A 329 13.81 -17.44 12.60
C MET A 329 14.70 -16.35 12.06
N GLU A 330 16.00 -16.59 12.09
CA GLU A 330 16.93 -15.64 11.51
C GLU A 330 16.77 -15.59 9.97
N ALA A 331 16.64 -16.75 9.37
CA ALA A 331 16.37 -16.84 7.93
C ALA A 331 14.97 -16.31 7.61
N TYR A 332 13.99 -16.72 8.42
CA TYR A 332 12.59 -16.35 8.23
C TYR A 332 12.39 -14.84 8.28
N THR A 333 13.19 -14.17 9.10
CA THR A 333 13.23 -12.72 9.17
C THR A 333 13.47 -12.07 7.80
N LYS A 334 14.22 -12.78 6.95
CA LYS A 334 14.55 -12.28 5.62
C LYS A 334 13.66 -12.85 4.53
N LEU A 335 12.58 -13.51 4.91
CA LEU A 335 11.67 -14.12 3.97
C LEU A 335 10.37 -13.33 3.93
N THR A 336 10.28 -12.44 2.93
CA THR A 336 9.11 -11.56 2.77
C THR A 336 8.61 -11.56 1.32
N ASP A 337 7.76 -10.60 0.96
CA ASP A 337 7.26 -10.48 -0.40
C ASP A 337 8.37 -10.25 -1.44
N ASN A 338 9.50 -9.71 -0.98
CA ASN A 338 10.75 -9.59 -1.76
C ASN A 338 11.08 -10.82 -2.60
N ILE A 339 10.73 -12.00 -2.11
CA ILE A 339 11.04 -13.23 -2.82
C ILE A 339 10.37 -13.28 -4.20
N PHE A 340 9.19 -12.68 -4.32
CA PHE A 340 8.48 -12.55 -5.61
C PHE A 340 9.39 -11.84 -6.59
N LEU A 341 9.92 -10.69 -6.18
CA LEU A 341 10.79 -9.92 -7.05
C LEU A 341 12.19 -10.52 -7.26
N GLU A 342 12.72 -11.22 -6.26
CA GLU A 342 13.98 -11.94 -6.46
C GLU A 342 13.79 -12.93 -7.61
N ILE A 343 12.68 -13.65 -7.59
CA ILE A 343 12.35 -14.58 -8.64
C ILE A 343 12.16 -13.88 -9.98
N LEU A 344 11.35 -12.82 -9.98
CA LEU A 344 11.04 -12.09 -11.20
C LEU A 344 12.28 -11.48 -11.84
N TYR A 345 13.18 -10.96 -11.02
CA TYR A 345 14.36 -10.29 -11.53
C TYR A 345 15.56 -11.23 -11.73
N SER A 346 15.40 -12.51 -11.42
CA SER A 346 16.53 -13.45 -11.48
C SER A 346 16.99 -13.68 -12.94
N THR A 347 18.24 -14.08 -13.10
CA THR A 347 18.77 -14.51 -14.41
C THR A 347 19.16 -16.02 -14.45
N ASP A 348 19.41 -16.60 -13.28
CA ASP A 348 19.72 -18.02 -13.17
C ASP A 348 18.79 -18.89 -14.01
N PRO A 349 19.35 -19.66 -14.98
CA PRO A 349 18.54 -20.55 -15.84
C PRO A 349 17.67 -21.52 -15.06
N LYS A 350 18.14 -21.92 -13.89
CA LYS A 350 17.40 -22.85 -13.02
C LYS A 350 16.08 -22.25 -12.50
N LEU A 351 16.02 -20.92 -12.46
CA LEU A 351 14.81 -20.18 -12.03
C LEU A 351 13.91 -19.77 -13.21
N LYS A 352 14.23 -20.27 -14.41
CA LYS A 352 13.50 -19.88 -15.60
C LYS A 352 12.03 -20.23 -15.49
N ASP A 353 11.74 -21.45 -15.06
CA ASP A 353 10.36 -21.92 -14.95
C ASP A 353 9.55 -21.09 -13.93
N ALA A 354 10.19 -20.74 -12.82
CA ALA A 354 9.52 -19.96 -11.77
C ALA A 354 9.26 -18.57 -12.34
N ARG A 355 10.32 -17.98 -12.85
CA ARG A 355 10.33 -16.68 -13.46
C ARG A 355 9.26 -16.54 -14.56
N GLU A 356 9.07 -17.60 -15.35
CA GLU A 356 8.09 -17.58 -16.44
C GLU A 356 6.64 -17.53 -15.93
N ILE A 357 6.39 -18.15 -14.78
CA ILE A 357 5.06 -18.08 -14.20
C ILE A 357 4.76 -16.64 -13.78
N LEU A 358 5.73 -15.99 -13.15
CA LEU A 358 5.54 -14.62 -12.67
C LEU A 358 5.37 -13.64 -13.82
N LYS A 359 6.07 -13.91 -14.92
CA LYS A 359 5.93 -13.10 -16.12
C LYS A 359 4.53 -13.24 -16.72
N GLN A 360 4.01 -14.45 -16.74
CA GLN A 360 2.61 -14.62 -17.14
C GLN A 360 1.65 -13.78 -16.27
N ILE A 361 1.96 -13.63 -14.98
CA ILE A 361 1.14 -12.80 -14.09
C ILE A 361 1.21 -11.37 -14.58
N GLU A 362 2.42 -10.89 -14.85
CA GLU A 362 2.65 -9.54 -15.33
C GLU A 362 1.99 -9.20 -16.66
N TYR A 363 1.94 -10.17 -17.57
CA TYR A 363 1.29 -10.00 -18.87
C TYR A 363 -0.21 -10.26 -18.77
N ARG A 364 -0.64 -10.70 -17.60
CA ARG A 364 -2.04 -10.98 -17.32
C ARG A 364 -2.54 -12.15 -18.16
N ASN A 365 -1.65 -13.11 -18.39
CA ASN A 365 -2.03 -14.38 -18.98
C ASN A 365 -2.29 -15.37 -17.87
N LEU A 366 -3.46 -15.21 -17.24
CA LEU A 366 -3.81 -15.99 -16.06
C LEU A 366 -4.61 -17.21 -16.43
N PHE A 367 -4.59 -18.21 -15.55
CA PHE A 367 -5.45 -19.34 -15.74
C PHE A 367 -6.90 -18.84 -15.85
N LYS A 368 -7.69 -19.55 -16.63
CA LYS A 368 -9.05 -19.10 -16.97
C LYS A 368 -10.08 -19.66 -15.99
N TYR A 369 -10.93 -18.79 -15.48
CA TYR A 369 -12.01 -19.19 -14.58
C TYR A 369 -13.07 -19.91 -15.41
N VAL A 370 -13.45 -21.10 -14.98
CA VAL A 370 -14.43 -21.91 -15.71
C VAL A 370 -15.81 -21.74 -15.09
N GLY A 371 -15.85 -21.81 -13.76
CA GLY A 371 -17.11 -21.67 -13.04
C GLY A 371 -17.04 -22.02 -11.58
N GLU A 372 -18.20 -21.95 -10.94
CA GLU A 372 -18.36 -22.19 -9.51
C GLU A 372 -19.61 -23.02 -9.29
N THR A 373 -19.54 -23.85 -8.26
CA THR A 373 -20.67 -24.65 -7.84
C THR A 373 -20.55 -24.91 -6.34
N GLN A 374 -21.56 -25.55 -5.78
CA GLN A 374 -21.53 -25.94 -4.38
C GLN A 374 -22.07 -27.33 -4.24
N PRO A 375 -21.72 -28.02 -3.13
CA PRO A 375 -22.42 -29.26 -2.78
C PRO A 375 -23.85 -28.95 -2.35
N THR A 376 -24.72 -29.95 -2.38
CA THR A 376 -26.16 -29.72 -2.18
C THR A 376 -26.72 -30.12 -0.81
N GLY A 377 -26.45 -31.34 -0.37
CA GLY A 377 -27.14 -31.87 0.81
C GLY A 377 -26.52 -31.42 2.12
N GLN A 378 -26.29 -32.41 2.99
CA GLN A 378 -25.42 -32.27 4.15
C GLN A 378 -24.01 -32.63 3.67
N ILE A 379 -23.90 -32.85 2.36
CA ILE A 379 -22.68 -33.32 1.69
C ILE A 379 -21.54 -32.32 1.94
N LYS A 380 -20.39 -32.83 2.36
CA LYS A 380 -19.18 -32.01 2.56
C LYS A 380 -17.96 -32.65 1.91
N ILE A 381 -17.27 -31.87 1.12
CA ILE A 381 -16.04 -32.33 0.48
C ILE A 381 -14.90 -32.33 1.49
N LYS A 382 -14.33 -33.52 1.73
CA LYS A 382 -13.20 -33.67 2.64
C LYS A 382 -11.92 -33.18 2.00
N ARG A 383 -11.04 -32.63 2.82
CA ARG A 383 -9.76 -32.09 2.35
C ARG A 383 -8.86 -33.17 1.76
N GLU A 384 -8.98 -34.39 2.27
CA GLU A 384 -8.24 -35.55 1.78
C GLU A 384 -8.51 -35.77 0.29
N ASP A 385 -9.69 -35.37 -0.15
CA ASP A 385 -10.14 -35.61 -1.51
C ASP A 385 -9.92 -34.44 -2.49
N TYR A 386 -9.41 -33.32 -2.00
CA TYR A 386 -9.23 -32.14 -2.86
C TYR A 386 -8.36 -32.47 -4.07
N GLU A 387 -7.28 -33.19 -3.80
CA GLU A 387 -6.28 -33.53 -4.82
C GLU A 387 -6.87 -34.38 -5.96
N SER A 388 -7.88 -35.17 -5.65
CA SER A 388 -8.53 -36.06 -6.63
C SER A 388 -9.56 -35.36 -7.53
N LEU A 389 -9.88 -34.10 -7.25
CA LEU A 389 -11.00 -33.43 -7.95
C LEU A 389 -10.72 -33.08 -9.42
N PRO A 390 -9.55 -32.52 -9.74
CA PRO A 390 -9.25 -32.22 -11.14
C PRO A 390 -9.36 -33.44 -12.05
N LYS A 391 -8.92 -34.58 -11.53
CA LYS A 391 -9.08 -35.85 -12.24
C LYS A 391 -10.57 -36.15 -12.47
N GLU A 392 -11.40 -35.95 -11.47
CA GLU A 392 -12.85 -36.19 -11.66
C GLU A 392 -13.40 -35.32 -12.79
N VAL A 393 -12.98 -34.08 -12.83
CA VAL A 393 -13.47 -33.14 -13.85
C VAL A 393 -13.05 -33.61 -15.23
N ALA A 394 -11.77 -33.96 -15.36
CA ALA A 394 -11.20 -34.45 -16.61
C ALA A 394 -11.86 -35.76 -17.07
N SER A 395 -12.38 -36.53 -16.13
CA SER A 395 -13.03 -37.83 -16.42
C SER A 395 -14.52 -37.73 -16.67
N ALA A 396 -15.09 -36.53 -16.56
CA ALA A 396 -16.48 -36.33 -16.92
C ALA A 396 -16.65 -36.56 -18.43
N LYS A 397 -17.81 -37.05 -18.82
CA LYS A 397 -18.05 -37.45 -20.20
C LYS A 397 -19.17 -36.63 -20.80
N PRO A 398 -18.89 -35.35 -21.14
CA PRO A 398 -19.96 -34.53 -21.67
C PRO A 398 -20.36 -35.00 -23.05
N LYS A 399 -21.66 -35.12 -23.28
CA LYS A 399 -22.19 -35.50 -24.60
C LYS A 399 -22.16 -34.28 -25.54
N VAL A 400 -20.95 -33.84 -25.84
CA VAL A 400 -20.71 -32.70 -26.72
C VAL A 400 -19.51 -33.08 -27.59
N LEU A 401 -19.57 -32.68 -28.85
CA LEU A 401 -18.47 -32.91 -29.76
C LEU A 401 -17.46 -31.80 -29.51
N LEU A 402 -16.25 -32.20 -29.14
CA LEU A 402 -15.20 -31.24 -28.79
C LEU A 402 -13.96 -31.41 -29.66
N ASP A 403 -13.31 -30.28 -29.96
CA ASP A 403 -12.07 -30.26 -30.74
C ASP A 403 -10.84 -30.62 -29.90
N VAL A 404 -11.03 -30.65 -28.59
CA VAL A 404 -9.92 -30.77 -27.65
C VAL A 404 -10.30 -31.75 -26.55
N LYS A 405 -9.30 -32.50 -26.11
CA LYS A 405 -9.42 -33.38 -24.96
C LYS A 405 -8.56 -32.77 -23.86
N LEU A 406 -9.13 -32.63 -22.68
CA LEU A 406 -8.41 -32.04 -21.55
C LEU A 406 -8.07 -33.10 -20.51
N LYS A 407 -6.92 -32.93 -19.86
CA LYS A 407 -6.47 -33.86 -18.83
C LYS A 407 -6.57 -33.28 -17.42
N ALA A 408 -6.40 -34.15 -16.43
CA ALA A 408 -6.45 -33.78 -15.03
C ALA A 408 -5.61 -32.53 -14.74
N GLU A 409 -4.42 -32.49 -15.33
CA GLU A 409 -3.45 -31.42 -15.05
C GLU A 409 -3.82 -30.07 -15.66
N ASP A 410 -4.80 -30.05 -16.56
CA ASP A 410 -5.28 -28.79 -17.16
C ASP A 410 -6.25 -28.05 -16.24
N PHE A 411 -6.83 -28.78 -15.29
CA PHE A 411 -7.81 -28.22 -14.36
C PHE A 411 -7.22 -27.87 -13.00
N ILE A 412 -7.66 -26.74 -12.47
CA ILE A 412 -7.50 -26.42 -11.03
C ILE A 412 -8.87 -26.42 -10.37
N VAL A 413 -8.99 -27.13 -9.26
CA VAL A 413 -10.20 -27.16 -8.46
C VAL A 413 -9.91 -26.59 -7.08
N ASP A 414 -10.41 -25.38 -6.82
CA ASP A 414 -10.15 -24.66 -5.57
C ASP A 414 -11.39 -24.77 -4.68
N VAL A 415 -11.26 -25.44 -3.54
CA VAL A 415 -12.38 -25.59 -2.62
C VAL A 415 -12.24 -24.58 -1.49
N ILE A 416 -13.26 -23.73 -1.34
CA ILE A 416 -13.25 -22.65 -0.37
C ILE A 416 -14.26 -22.92 0.74
N ASN A 417 -13.78 -22.99 1.97
CA ASN A 417 -14.65 -23.13 3.13
C ASN A 417 -15.08 -21.73 3.59
N MET A 418 -16.38 -21.45 3.50
CA MET A 418 -16.93 -20.18 3.96
C MET A 418 -17.74 -20.46 5.22
N ASP A 419 -17.42 -19.75 6.31
CA ASP A 419 -18.13 -19.96 7.57
C ASP A 419 -18.04 -18.75 8.49
N TYR A 420 -18.74 -18.85 9.62
CA TYR A 420 -18.78 -17.77 10.61
C TYR A 420 -17.65 -17.89 11.64
N GLY A 421 -16.60 -18.62 11.30
CA GLY A 421 -15.39 -18.69 12.13
C GLY A 421 -15.27 -19.90 13.03
N MET A 422 -16.34 -20.67 13.17
CA MET A 422 -16.28 -21.84 14.04
C MET A 422 -16.90 -23.03 13.35
N GLN A 423 -16.49 -23.25 12.10
CA GLN A 423 -17.01 -24.33 11.27
C GLN A 423 -18.54 -24.26 11.21
N GLU A 424 -19.22 -25.36 11.51
CA GLU A 424 -20.69 -25.44 11.49
C GLU A 424 -21.40 -24.64 12.59
N LYS A 425 -20.66 -24.17 13.59
CA LYS A 425 -21.28 -23.61 14.78
C LYS A 425 -21.69 -22.16 14.63
N ASN A 426 -22.77 -21.80 15.30
CA ASN A 426 -23.18 -20.41 15.42
C ASN A 426 -22.38 -19.75 16.54
N PRO A 427 -21.51 -18.79 16.20
CA PRO A 427 -20.69 -18.15 17.22
C PRO A 427 -21.49 -17.43 18.33
N ILE A 428 -22.68 -16.97 17.99
CA ILE A 428 -23.53 -16.28 18.96
C ILE A 428 -24.02 -17.22 20.07
N ASP A 429 -24.06 -18.52 19.79
CA ASP A 429 -24.29 -19.50 20.84
C ASP A 429 -23.16 -19.56 21.87
N HIS A 430 -22.01 -18.98 21.54
CA HIS A 430 -20.89 -18.93 22.47
C HIS A 430 -20.59 -17.51 22.92
N VAL A 431 -21.62 -16.68 22.89
CA VAL A 431 -21.53 -15.29 23.39
C VAL A 431 -22.47 -15.19 24.58
N SER A 432 -22.04 -14.44 25.58
CA SER A 432 -22.88 -14.14 26.72
C SER A 432 -23.27 -12.68 26.70
N PHE A 433 -24.48 -12.40 27.14
CA PHE A 433 -25.03 -11.05 27.11
C PHE A 433 -25.43 -10.58 28.50
N TYR A 434 -25.64 -9.28 28.62
CA TYR A 434 -26.23 -8.71 29.84
C TYR A 434 -27.39 -7.80 29.50
N CYS A 435 -28.32 -7.69 30.45
CA CYS A 435 -29.52 -6.88 30.29
C CYS A 435 -29.45 -5.61 31.09
N LYS A 436 -30.19 -4.62 30.62
CA LYS A 436 -30.22 -3.28 31.22
C LYS A 436 -30.52 -3.33 32.72
N THR A 437 -31.51 -4.13 33.10
CA THR A 437 -31.95 -4.16 34.49
C THR A 437 -31.02 -4.95 35.43
N ALA A 438 -30.16 -5.80 34.87
CA ALA A 438 -29.20 -6.57 35.68
C ALA A 438 -27.85 -6.72 34.99
N PRO A 439 -27.08 -5.63 34.92
CA PRO A 439 -25.87 -5.62 34.10
C PRO A 439 -24.72 -6.52 34.58
N ASN A 440 -24.87 -7.17 35.73
CA ASN A 440 -23.86 -8.13 36.21
C ASN A 440 -24.23 -9.55 35.93
N ARG A 441 -25.43 -9.76 35.42
CA ARG A 441 -25.91 -11.11 35.19
C ARG A 441 -25.77 -11.54 33.74
N ALA A 442 -24.93 -12.53 33.50
CA ALA A 442 -24.71 -13.08 32.18
C ALA A 442 -25.85 -13.96 31.78
N ILE A 443 -26.30 -13.81 30.53
CA ILE A 443 -27.35 -14.63 29.99
C ILE A 443 -26.97 -15.11 28.60
N ARG A 444 -27.77 -16.05 28.10
CA ARG A 444 -27.64 -16.56 26.76
C ARG A 444 -28.84 -16.12 25.96
N ILE A 445 -28.63 -16.00 24.65
CA ILE A 445 -29.70 -15.71 23.71
C ILE A 445 -29.57 -16.71 22.57
N THR A 446 -30.68 -17.38 22.25
CA THR A 446 -30.73 -18.37 21.17
C THR A 446 -31.11 -17.73 19.84
N LYS A 447 -30.93 -18.48 18.75
CA LYS A 447 -31.12 -17.89 17.40
C LYS A 447 -32.57 -17.48 17.13
N ASN A 448 -33.50 -18.35 17.49
CA ASN A 448 -34.93 -18.07 17.30
C ASN A 448 -35.47 -16.93 18.20
N GLN A 449 -34.76 -16.61 19.28
CA GLN A 449 -35.07 -15.43 20.08
C GLN A 449 -34.75 -14.12 19.34
N VAL A 450 -34.04 -14.21 18.22
CA VAL A 450 -33.57 -13.00 17.55
C VAL A 450 -34.32 -12.63 16.29
N SER A 451 -34.26 -13.50 15.30
CA SER A 451 -34.79 -13.16 13.98
C SER A 451 -34.81 -14.36 13.09
N GLN A 452 -35.90 -14.49 12.37
CA GLN A 452 -36.10 -15.54 11.41
C GLN A 452 -35.40 -15.27 10.07
N LEU A 453 -34.83 -14.08 9.89
CA LEU A 453 -34.16 -13.72 8.62
C LEU A 453 -32.65 -14.01 8.64
N LEU A 454 -32.17 -14.57 9.76
CA LEU A 454 -30.76 -14.91 9.92
C LEU A 454 -30.43 -16.21 9.20
N PRO A 455 -29.13 -16.50 9.01
CA PRO A 455 -28.76 -17.76 8.37
C PRO A 455 -29.27 -18.99 9.10
N GLU A 456 -29.65 -20.02 8.37
CA GLU A 456 -30.02 -21.29 9.02
C GLU A 456 -28.84 -22.25 9.13
N LYS A 457 -27.78 -21.99 8.38
CA LYS A 457 -26.51 -22.64 8.65
C LYS A 457 -25.35 -21.66 8.55
N PHE A 458 -24.22 -22.10 9.10
CA PHE A 458 -23.10 -21.20 9.36
C PHE A 458 -21.80 -21.60 8.68
N ALA A 459 -21.89 -22.58 7.78
CA ALA A 459 -20.75 -23.05 7.01
C ALA A 459 -21.23 -23.60 5.68
N GLU A 460 -20.39 -23.41 4.67
CA GLU A 460 -20.66 -23.97 3.36
C GLU A 460 -19.36 -24.01 2.59
N GLN A 461 -19.38 -24.69 1.44
CA GLN A 461 -18.21 -24.75 0.58
C GLN A 461 -18.52 -24.21 -0.78
N LEU A 462 -17.58 -23.44 -1.31
CA LEU A 462 -17.63 -23.00 -2.68
C LEU A 462 -16.56 -23.73 -3.44
N ILE A 463 -16.91 -24.22 -4.62
CA ILE A 463 -15.97 -24.94 -5.47
C ILE A 463 -15.74 -24.16 -6.75
N ARG A 464 -14.54 -23.61 -6.90
CA ARG A 464 -14.18 -22.95 -8.14
C ARG A 464 -13.34 -23.89 -9.00
N VAL A 465 -13.58 -23.84 -10.31
CA VAL A 465 -12.83 -24.62 -11.29
C VAL A 465 -12.21 -23.65 -12.28
N TYR A 466 -10.93 -23.89 -12.57
CA TYR A 466 -10.19 -23.10 -13.55
C TYR A 466 -9.52 -24.02 -14.56
N CYS A 467 -9.09 -23.46 -15.67
CA CYS A 467 -8.38 -24.21 -16.71
C CYS A 467 -7.06 -23.53 -17.07
N LYS A 468 -5.98 -24.30 -17.13
CA LYS A 468 -4.66 -23.76 -17.47
C LYS A 468 -4.48 -23.57 -18.96
N LYS A 469 -5.31 -24.23 -19.76
CA LYS A 469 -5.35 -24.02 -21.20
C LYS A 469 -6.26 -22.84 -21.50
N VAL A 470 -5.71 -21.78 -22.07
CA VAL A 470 -6.40 -20.49 -22.14
C VAL A 470 -7.06 -20.19 -23.48
N ASP A 471 -6.84 -21.02 -24.49
CA ASP A 471 -7.43 -20.78 -25.81
C ASP A 471 -8.94 -21.03 -25.79
N ARG A 472 -9.61 -20.46 -26.77
CA ARG A 472 -11.07 -20.51 -26.90
C ARG A 472 -11.63 -21.93 -26.90
N LYS A 473 -10.99 -22.79 -27.67
CA LYS A 473 -11.44 -24.17 -27.81
C LYS A 473 -11.30 -24.96 -26.51
N SER A 474 -10.18 -24.79 -25.83
CA SER A 474 -9.95 -25.46 -24.55
C SER A 474 -10.95 -24.98 -23.52
N LEU A 475 -11.17 -23.67 -23.48
CA LEU A 475 -12.09 -23.07 -22.51
C LEU A 475 -13.51 -23.59 -22.72
N TYR A 476 -13.94 -23.65 -23.98
CA TYR A 476 -15.28 -24.19 -24.30
C TYR A 476 -15.40 -25.64 -23.83
N ALA A 477 -14.37 -26.43 -24.09
CA ALA A 477 -14.33 -27.82 -23.63
C ALA A 477 -14.39 -27.89 -22.11
N ALA A 478 -13.54 -27.09 -21.46
CA ALA A 478 -13.48 -27.11 -19.97
C ALA A 478 -14.86 -26.87 -19.36
N ARG A 479 -15.62 -25.95 -19.95
CA ARG A 479 -16.97 -25.63 -19.48
C ARG A 479 -17.88 -26.84 -19.56
N GLN A 480 -17.76 -27.61 -20.64
CA GLN A 480 -18.58 -28.83 -20.79
C GLN A 480 -18.20 -29.89 -19.75
N TYR A 481 -16.90 -30.10 -19.58
CA TYR A 481 -16.43 -31.04 -18.53
C TYR A 481 -16.95 -30.61 -17.14
N PHE A 482 -16.80 -29.32 -16.84
CA PHE A 482 -17.18 -28.76 -15.54
C PHE A 482 -18.67 -28.95 -15.23
N VAL A 483 -19.52 -28.50 -16.15
CA VAL A 483 -20.96 -28.61 -15.90
C VAL A 483 -21.41 -30.06 -15.85
N GLN A 484 -20.79 -30.89 -16.69
CA GLN A 484 -21.09 -32.33 -16.64
C GLN A 484 -20.74 -32.88 -15.27
N TRP A 485 -19.57 -32.49 -14.78
CA TRP A 485 -19.11 -32.90 -13.45
C TRP A 485 -20.07 -32.47 -12.35
N CYS A 486 -20.51 -31.20 -12.40
CA CYS A 486 -21.52 -30.71 -11.47
C CYS A 486 -22.78 -31.57 -11.49
N ALA A 487 -23.23 -31.92 -12.69
CA ALA A 487 -24.41 -32.78 -12.85
C ALA A 487 -24.18 -34.16 -12.24
N ASP A 488 -23.04 -34.77 -12.57
CA ASP A 488 -22.69 -36.10 -12.06
C ASP A 488 -22.64 -36.15 -10.54
N ARG A 489 -22.09 -35.09 -9.94
CA ARG A 489 -21.91 -35.05 -8.49
C ARG A 489 -23.13 -34.52 -7.73
N ASN A 490 -24.20 -34.21 -8.45
CA ASN A 490 -25.37 -33.55 -7.88
C ASN A 490 -25.02 -32.25 -7.19
N PHE A 491 -24.04 -31.52 -7.71
CA PHE A 491 -23.71 -30.20 -7.20
C PHE A 491 -24.72 -29.20 -7.74
N THR A 492 -24.66 -27.96 -7.26
CA THR A 492 -25.61 -26.95 -7.72
C THR A 492 -25.33 -26.54 -9.17
N LYS A 493 -26.40 -26.12 -9.85
CA LYS A 493 -26.30 -25.66 -11.22
C LYS A 493 -25.51 -24.36 -11.26
N PRO A 494 -24.40 -24.33 -12.02
CA PRO A 494 -23.68 -23.08 -12.11
C PRO A 494 -24.61 -21.97 -12.63
N GLN A 495 -24.37 -20.75 -12.19
CA GLN A 495 -25.25 -19.61 -12.47
C GLN A 495 -25.40 -19.32 -13.95
N ASP A 496 -24.29 -19.49 -14.66
CA ASP A 496 -24.27 -19.30 -16.10
C ASP A 496 -24.36 -20.64 -16.86
N GLY A 497 -24.86 -21.67 -16.20
CA GLY A 497 -24.85 -23.04 -16.75
C GLY A 497 -25.52 -23.18 -18.11
N ASP A 498 -26.73 -22.63 -18.22
CA ASP A 498 -27.48 -22.68 -19.49
C ASP A 498 -26.80 -21.93 -20.62
N VAL A 499 -25.95 -20.98 -20.27
CA VAL A 499 -25.20 -20.22 -21.25
C VAL A 499 -23.88 -20.89 -21.62
N ILE A 500 -23.12 -21.36 -20.62
CA ILE A 500 -21.80 -21.95 -20.90
C ILE A 500 -21.91 -23.39 -21.42
N ALA A 501 -22.96 -24.09 -21.04
CA ALA A 501 -23.14 -25.50 -21.40
C ALA A 501 -24.61 -25.84 -21.68
N PRO A 502 -25.21 -25.19 -22.70
CA PRO A 502 -26.63 -25.41 -22.98
C PRO A 502 -27.00 -26.86 -23.29
N LEU A 503 -26.06 -27.61 -23.88
CA LEU A 503 -26.31 -29.03 -24.19
C LEU A 503 -26.25 -29.93 -22.97
N ILE A 504 -25.69 -29.45 -21.87
CA ILE A 504 -25.48 -30.28 -20.67
C ILE A 504 -26.61 -30.09 -19.65
N THR A 505 -27.05 -28.86 -19.45
CA THR A 505 -28.00 -28.54 -18.37
C THR A 505 -29.38 -29.23 -18.44
N PRO A 506 -29.92 -29.46 -19.66
CA PRO A 506 -31.22 -30.13 -19.74
C PRO A 506 -31.27 -31.53 -19.14
N GLN A 507 -30.16 -32.25 -19.20
CA GLN A 507 -30.09 -33.62 -18.67
C GLN A 507 -30.47 -33.72 -17.19
N LYS A 508 -30.20 -32.65 -16.45
CA LYS A 508 -30.44 -32.62 -15.01
C LYS A 508 -31.77 -31.91 -14.76
N LYS A 509 -32.79 -32.66 -14.37
CA LYS A 509 -34.12 -32.07 -14.16
C LYS A 509 -34.30 -31.55 -12.73
N GLU A 510 -33.39 -31.94 -11.83
CA GLU A 510 -33.31 -31.29 -10.52
C GLU A 510 -32.94 -29.82 -10.72
N TRP A 511 -32.22 -29.56 -11.82
CA TRP A 511 -31.88 -28.18 -12.26
C TRP A 511 -33.00 -27.47 -13.03
N ASN A 512 -34.03 -28.22 -13.44
CA ASN A 512 -35.11 -27.68 -14.29
C ASN A 512 -36.48 -28.18 -13.85
N ASN B 15 -25.89 -11.53 -31.60
CA ASN B 15 -27.21 -12.05 -32.13
C ASN B 15 -28.43 -11.13 -31.99
N LEU B 16 -28.20 -9.83 -31.77
CA LEU B 16 -29.26 -8.83 -31.80
C LEU B 16 -28.95 -7.78 -32.84
N TYR B 17 -30.01 -7.21 -33.41
CA TYR B 17 -29.91 -6.25 -34.53
C TYR B 17 -30.74 -5.00 -34.25
N PHE B 18 -30.26 -3.87 -34.72
CA PHE B 18 -30.98 -2.62 -34.62
C PHE B 18 -30.71 -1.89 -35.92
N GLN B 19 -31.77 -1.28 -36.48
CA GLN B 19 -31.71 -0.70 -37.84
C GLN B 19 -31.09 -1.65 -38.87
N GLY B 20 -31.35 -2.95 -38.70
CA GLY B 20 -30.90 -3.94 -39.66
C GLY B 20 -29.46 -4.40 -39.52
N SER B 21 -28.70 -3.76 -38.62
CA SER B 21 -27.27 -4.06 -38.37
C SER B 21 -27.04 -4.73 -37.01
N GLN B 22 -26.11 -5.66 -36.99
CA GLN B 22 -25.82 -6.43 -35.78
C GLN B 22 -25.25 -5.53 -34.68
N ILE B 23 -25.76 -5.70 -33.47
CA ILE B 23 -25.20 -4.97 -32.34
C ILE B 23 -23.98 -5.72 -31.82
N HIS B 24 -22.90 -4.98 -31.60
CA HIS B 24 -21.66 -5.52 -31.03
C HIS B 24 -21.47 -4.99 -29.61
N VAL B 25 -21.24 -5.91 -28.67
CA VAL B 25 -21.13 -5.57 -27.26
C VAL B 25 -19.66 -5.64 -26.86
N ASP B 26 -19.06 -4.50 -26.62
CA ASP B 26 -17.68 -4.43 -26.16
C ASP B 26 -17.65 -4.02 -24.69
N THR B 27 -17.53 -5.00 -23.81
CA THR B 27 -17.51 -4.73 -22.39
C THR B 27 -16.11 -4.27 -21.93
N MET B 28 -16.03 -3.07 -21.37
CA MET B 28 -14.79 -2.57 -20.78
C MET B 28 -14.43 -3.26 -19.47
N LYS B 29 -13.14 -3.29 -19.14
CA LYS B 29 -12.75 -3.81 -17.84
C LYS B 29 -13.10 -2.72 -16.82
N VAL B 30 -13.64 -3.16 -15.70
CA VAL B 30 -13.93 -2.28 -14.59
C VAL B 30 -12.95 -2.62 -13.44
N ILE B 31 -12.38 -1.58 -12.86
CA ILE B 31 -11.46 -1.68 -11.73
C ILE B 31 -11.95 -0.79 -10.58
N ASN B 32 -11.89 -1.32 -9.37
CA ASN B 32 -12.29 -0.59 -8.16
C ASN B 32 -11.08 0.05 -7.48
N ASP B 33 -11.03 1.36 -7.54
CA ASP B 33 -10.04 2.13 -6.86
C ASP B 33 -10.68 2.79 -5.62
N PRO B 34 -10.01 2.75 -4.43
CA PRO B 34 -10.59 3.39 -3.23
C PRO B 34 -10.82 4.89 -3.37
N ILE B 35 -10.01 5.57 -4.13
CA ILE B 35 -10.18 6.99 -4.32
C ILE B 35 -11.32 7.30 -5.31
N HIS B 36 -11.26 6.72 -6.50
CA HIS B 36 -12.18 7.10 -7.59
C HIS B 36 -13.35 6.18 -7.75
N GLY B 37 -13.37 5.08 -7.00
CA GLY B 37 -14.41 4.09 -7.15
C GLY B 37 -14.24 3.20 -8.38
N HIS B 38 -15.36 2.75 -8.91
CA HIS B 38 -15.36 1.86 -10.05
C HIS B 38 -15.16 2.63 -11.31
N ILE B 39 -14.06 2.36 -11.98
CA ILE B 39 -13.73 3.07 -13.19
C ILE B 39 -13.48 2.09 -14.36
N GLU B 40 -13.76 2.57 -15.56
CA GLU B 40 -13.70 1.75 -16.78
C GLU B 40 -12.37 1.93 -17.47
N LEU B 41 -11.72 0.83 -17.83
CA LEU B 41 -10.47 0.89 -18.59
C LEU B 41 -10.68 0.41 -20.04
N HIS B 42 -10.50 1.33 -20.98
CA HIS B 42 -10.49 1.00 -22.41
C HIS B 42 -9.43 -0.10 -22.73
N PRO B 43 -9.75 -1.05 -23.63
CA PRO B 43 -8.84 -2.19 -23.86
C PRO B 43 -7.42 -1.81 -24.26
N LEU B 44 -7.27 -0.67 -24.92
CA LEU B 44 -5.96 -0.16 -25.24
C LEU B 44 -5.17 0.22 -23.99
N LEU B 45 -5.85 0.81 -23.00
CA LEU B 45 -5.21 1.13 -21.70
C LEU B 45 -4.85 -0.16 -20.99
N VAL B 46 -5.74 -1.13 -21.00
CA VAL B 46 -5.45 -2.42 -20.41
C VAL B 46 -4.17 -3.04 -21.01
N ARG B 47 -4.03 -2.94 -22.33
CA ARG B 47 -2.92 -3.56 -23.02
C ARG B 47 -1.62 -2.91 -22.57
N ILE B 48 -1.66 -1.61 -22.38
CA ILE B 48 -0.52 -0.86 -21.91
C ILE B 48 -0.19 -1.16 -20.41
N ILE B 49 -1.23 -1.35 -19.62
CA ILE B 49 -1.12 -1.59 -18.17
C ILE B 49 -0.50 -2.96 -17.89
N ASP B 50 -0.91 -3.95 -18.66
CA ASP B 50 -0.48 -5.31 -18.45
C ASP B 50 0.86 -5.62 -19.17
N THR B 51 1.86 -4.82 -18.85
CA THR B 51 3.22 -4.99 -19.34
C THR B 51 4.19 -4.92 -18.14
N PRO B 52 5.38 -5.54 -18.26
CA PRO B 52 6.36 -5.43 -17.17
C PRO B 52 6.75 -4.00 -16.87
N GLN B 53 6.68 -3.15 -17.89
CA GLN B 53 7.12 -1.77 -17.76
C GLN B 53 6.15 -0.96 -16.89
N PHE B 54 4.88 -1.29 -16.98
CA PHE B 54 3.88 -0.56 -16.23
C PHE B 54 3.68 -1.19 -14.86
N GLN B 55 3.60 -2.51 -14.83
CA GLN B 55 3.46 -3.26 -13.61
C GLN B 55 4.60 -3.00 -12.61
N ARG B 56 5.75 -2.60 -13.12
CA ARG B 56 6.90 -2.18 -12.34
C ARG B 56 6.53 -1.17 -11.23
N LEU B 57 5.57 -0.30 -11.55
CA LEU B 57 5.16 0.77 -10.65
C LEU B 57 4.45 0.28 -9.37
N ARG B 58 4.07 -0.99 -9.36
CA ARG B 58 3.58 -1.61 -8.16
C ARG B 58 4.66 -1.73 -7.07
N TYR B 59 5.93 -1.52 -7.41
CA TYR B 59 7.06 -1.83 -6.51
C TYR B 59 7.83 -0.59 -6.19
N ILE B 60 7.20 0.56 -6.44
CA ILE B 60 7.77 1.84 -6.14
C ILE B 60 6.79 2.71 -5.34
N LYS B 61 7.14 2.95 -4.08
CA LYS B 61 6.29 3.72 -3.17
C LYS B 61 6.17 5.15 -3.61
N GLN B 62 4.92 5.61 -3.63
CA GLN B 62 4.60 6.98 -4.03
C GLN B 62 5.40 8.01 -3.24
N LEU B 63 5.43 7.85 -1.92
CA LEU B 63 6.03 8.86 -1.04
C LEU B 63 7.41 8.48 -0.51
N GLY B 64 7.97 7.39 -1.04
CA GLY B 64 9.35 7.02 -0.75
C GLY B 64 9.53 6.66 0.72
N GLY B 65 10.40 7.38 1.41
CA GLY B 65 10.64 7.14 2.84
C GLY B 65 9.48 7.54 3.75
N GLY B 66 8.51 8.26 3.20
CA GLY B 66 7.34 8.71 3.93
C GLY B 66 6.63 7.61 4.70
N TYR B 67 6.58 6.42 4.11
CA TYR B 67 5.99 5.24 4.75
C TYR B 67 6.60 4.93 6.13
N TYR B 68 7.88 5.30 6.29
CA TYR B 68 8.59 5.06 7.55
C TYR B 68 8.24 6.09 8.65
N VAL B 69 7.40 7.07 8.30
CA VAL B 69 6.84 8.06 9.26
C VAL B 69 5.32 7.99 9.35
N PHE B 70 4.69 7.78 8.20
CA PHE B 70 3.25 7.61 8.08
C PHE B 70 2.93 6.17 7.70
N PRO B 71 2.51 5.33 8.67
CA PRO B 71 2.34 3.93 8.35
C PRO B 71 1.22 3.61 7.35
N GLY B 72 0.35 4.57 7.05
CA GLY B 72 -0.69 4.37 6.06
C GLY B 72 -0.16 4.58 4.63
N ALA B 73 1.00 5.21 4.50
CA ALA B 73 1.56 5.59 3.20
C ALA B 73 2.32 4.45 2.51
N SER B 74 1.67 3.32 2.38
CA SER B 74 2.19 2.13 1.74
C SER B 74 1.87 2.10 0.22
N HIS B 75 1.18 3.13 -0.27
CA HIS B 75 0.71 3.17 -1.66
C HIS B 75 1.84 3.37 -2.67
N ASN B 76 1.66 2.71 -3.81
CA ASN B 76 2.64 2.73 -4.89
C ASN B 76 2.25 3.60 -6.08
N ARG B 77 3.23 3.87 -6.93
CA ARG B 77 3.02 4.68 -8.13
C ARG B 77 1.97 4.10 -9.07
N PHE B 78 1.84 2.79 -9.06
CA PHE B 78 0.91 2.08 -9.91
C PHE B 78 -0.53 2.63 -9.81
N GLU B 79 -1.09 2.54 -8.60
CA GLU B 79 -2.46 2.98 -8.35
C GLU B 79 -2.63 4.49 -8.60
N HIS B 80 -1.62 5.28 -8.30
CA HIS B 80 -1.66 6.69 -8.59
C HIS B 80 -1.76 6.92 -10.11
N SER B 81 -0.98 6.15 -10.88
CA SER B 81 -0.94 6.28 -12.35
C SER B 81 -2.29 5.93 -12.97
N LEU B 82 -2.92 4.87 -12.48
CA LEU B 82 -4.27 4.53 -12.87
C LEU B 82 -5.23 5.72 -12.66
N GLY B 83 -5.06 6.41 -11.53
CA GLY B 83 -5.93 7.50 -11.14
C GLY B 83 -5.74 8.70 -12.03
N VAL B 84 -4.49 8.99 -12.35
CA VAL B 84 -4.16 10.10 -13.21
C VAL B 84 -4.73 9.85 -14.64
N GLY B 85 -4.57 8.64 -15.13
CA GLY B 85 -5.13 8.26 -16.45
C GLY B 85 -6.64 8.42 -16.47
N TYR B 86 -7.29 7.97 -15.41
CA TYR B 86 -8.73 8.12 -15.24
C TYR B 86 -9.17 9.58 -15.21
N LEU B 87 -8.54 10.39 -14.37
CA LEU B 87 -8.94 11.78 -14.26
C LEU B 87 -8.68 12.57 -15.55
N ALA B 88 -7.62 12.22 -16.26
CA ALA B 88 -7.29 12.87 -17.52
C ALA B 88 -8.44 12.68 -18.51
N GLY B 89 -8.90 11.44 -18.61
CA GLY B 89 -10.08 11.10 -19.38
C GLY B 89 -11.33 11.83 -18.93
N CYS B 90 -11.56 11.89 -17.61
CA CYS B 90 -12.70 12.61 -17.04
C CYS B 90 -12.69 14.08 -17.42
N LEU B 91 -11.56 14.73 -17.29
CA LEU B 91 -11.51 16.14 -17.57
C LEU B 91 -11.72 16.41 -19.10
N VAL B 92 -11.04 15.64 -19.94
CA VAL B 92 -11.14 15.84 -21.40
C VAL B 92 -12.56 15.60 -21.86
N HIS B 93 -13.15 14.53 -21.37
CA HIS B 93 -14.54 14.23 -21.68
C HIS B 93 -15.48 15.33 -21.30
N ALA B 94 -15.30 15.89 -20.09
CA ALA B 94 -16.21 16.92 -19.61
C ALA B 94 -16.10 18.17 -20.45
N LEU B 95 -14.88 18.56 -20.77
CA LEU B 95 -14.66 19.73 -21.57
C LEU B 95 -15.34 19.56 -22.94
N GLY B 96 -15.24 18.36 -23.49
CA GLY B 96 -15.80 18.03 -24.81
C GLY B 96 -17.32 17.96 -24.81
N GLU B 97 -17.90 17.41 -23.75
CA GLU B 97 -19.35 17.37 -23.59
C GLU B 97 -19.95 18.77 -23.55
N LYS B 98 -19.30 19.70 -22.86
CA LYS B 98 -19.83 21.04 -22.73
C LYS B 98 -19.56 21.89 -23.97
N GLN B 99 -18.48 21.58 -24.69
CA GLN B 99 -18.06 22.39 -25.82
C GLN B 99 -17.69 21.53 -27.04
N PRO B 100 -18.72 21.02 -27.76
CA PRO B 100 -18.49 20.24 -28.97
C PRO B 100 -17.61 20.97 -30.00
N GLU B 101 -17.65 22.30 -29.99
CA GLU B 101 -16.88 23.10 -30.91
C GLU B 101 -15.37 22.92 -30.80
N LEU B 102 -14.90 22.30 -29.71
CA LEU B 102 -13.47 22.08 -29.54
C LEU B 102 -12.98 20.89 -30.39
N GLN B 103 -13.91 20.05 -30.83
CA GLN B 103 -13.62 18.89 -31.69
C GLN B 103 -12.73 17.86 -31.01
N ILE B 104 -13.05 17.59 -29.75
CA ILE B 104 -12.32 16.60 -28.98
C ILE B 104 -12.80 15.23 -29.44
N SER B 105 -11.87 14.41 -29.91
CA SER B 105 -12.19 13.08 -30.41
C SER B 105 -11.88 12.03 -29.37
N GLU B 106 -12.43 10.84 -29.56
CA GLU B 106 -12.10 9.72 -28.69
C GLU B 106 -10.61 9.37 -28.77
N ARG B 107 -10.03 9.61 -29.94
CA ARG B 107 -8.58 9.49 -30.13
C ARG B 107 -7.80 10.43 -29.20
N ASP B 108 -8.20 11.69 -29.20
CA ASP B 108 -7.66 12.69 -28.26
C ASP B 108 -7.82 12.20 -26.81
N VAL B 109 -8.99 11.71 -26.46
CA VAL B 109 -9.24 11.23 -25.10
C VAL B 109 -8.24 10.12 -24.73
N LEU B 110 -8.14 9.12 -25.59
CA LEU B 110 -7.20 8.00 -25.39
C LEU B 110 -5.78 8.46 -25.23
N CYS B 111 -5.38 9.41 -26.04
CA CYS B 111 -4.01 9.89 -25.99
C CYS B 111 -3.70 10.57 -24.65
N VAL B 112 -4.67 11.32 -24.14
CA VAL B 112 -4.50 12.01 -22.86
C VAL B 112 -4.56 11.00 -21.70
N GLN B 113 -5.42 10.01 -21.82
CA GLN B 113 -5.44 8.93 -20.83
C GLN B 113 -4.12 8.19 -20.76
N ILE B 114 -3.53 7.91 -21.92
CA ILE B 114 -2.29 7.17 -21.96
C ILE B 114 -1.17 7.96 -21.35
N ALA B 115 -1.15 9.26 -21.63
CA ALA B 115 -0.11 10.10 -21.09
C ALA B 115 -0.25 10.15 -19.56
N GLY B 116 -1.49 10.12 -19.08
CA GLY B 116 -1.77 10.16 -17.63
C GLY B 116 -1.26 8.89 -16.97
N LEU B 117 -1.59 7.76 -17.57
CA LEU B 117 -1.12 6.47 -17.12
C LEU B 117 0.38 6.38 -17.07
N CYS B 118 1.04 6.92 -18.09
CA CYS B 118 2.46 6.66 -18.31
C CYS B 118 3.36 7.73 -17.81
N HIS B 119 2.80 8.81 -17.27
CA HIS B 119 3.57 9.98 -16.82
C HIS B 119 4.64 9.62 -15.77
N ASP B 120 4.36 8.64 -14.93
CA ASP B 120 5.30 8.25 -13.87
C ASP B 120 6.18 7.01 -14.18
N LEU B 121 6.20 6.58 -15.44
CA LEU B 121 6.93 5.36 -15.78
C LEU B 121 8.43 5.43 -15.44
N GLY B 122 8.97 6.63 -15.43
CA GLY B 122 10.40 6.84 -15.23
C GLY B 122 10.87 6.99 -13.77
N HIS B 123 9.92 6.92 -12.82
CA HIS B 123 10.31 6.98 -11.40
C HIS B 123 11.19 5.79 -11.05
N GLY B 124 12.19 6.05 -10.21
CA GLY B 124 13.05 5.00 -9.64
C GLY B 124 12.66 4.63 -8.21
N PRO B 125 13.48 3.77 -7.58
CA PRO B 125 13.28 3.41 -6.17
C PRO B 125 12.94 4.60 -5.28
N PHE B 126 11.86 4.49 -4.52
CA PHE B 126 11.42 5.55 -3.57
C PHE B 126 11.12 6.89 -4.23
N SER B 127 10.66 6.80 -5.48
CA SER B 127 10.20 7.98 -6.21
C SER B 127 11.16 9.14 -6.17
N HIS B 128 10.77 10.26 -5.56
CA HIS B 128 11.57 11.47 -5.66
C HIS B 128 12.94 11.41 -4.97
N MET B 129 13.14 10.44 -4.11
CA MET B 129 14.46 10.20 -3.54
C MET B 129 15.48 9.91 -4.66
N PHE B 130 15.04 9.15 -5.66
CA PHE B 130 15.96 8.63 -6.67
C PHE B 130 16.54 9.72 -7.54
N ASP B 131 15.67 10.53 -8.13
CA ASP B 131 16.16 11.62 -8.99
C ASP B 131 16.44 12.89 -8.21
N GLY B 132 15.83 13.00 -7.03
CA GLY B 132 16.03 14.19 -6.18
C GLY B 132 17.31 14.14 -5.36
N ARG B 133 17.68 12.95 -4.89
CA ARG B 133 18.82 12.80 -3.97
C ARG B 133 19.91 11.91 -4.52
N PHE B 134 19.53 10.71 -4.94
CA PHE B 134 20.53 9.69 -5.26
C PHE B 134 21.35 9.99 -6.55
N ILE B 135 20.65 10.14 -7.67
CA ILE B 135 21.34 10.33 -8.95
C ILE B 135 22.26 11.56 -8.96
N PRO B 136 21.78 12.71 -8.44
CA PRO B 136 22.66 13.88 -8.34
C PRO B 136 23.94 13.65 -7.54
N LEU B 137 23.89 12.81 -6.52
CA LEU B 137 25.08 12.46 -5.77
C LEU B 137 25.89 11.37 -6.46
N ALA B 138 25.23 10.34 -6.98
CA ALA B 138 25.92 9.18 -7.55
C ALA B 138 26.55 9.47 -8.92
N ARG B 139 25.95 10.40 -9.68
CA ARG B 139 26.43 10.74 -11.02
C ARG B 139 26.21 12.22 -11.29
N PRO B 140 27.07 13.07 -10.71
CA PRO B 140 26.87 14.51 -10.81
C PRO B 140 27.02 15.07 -12.23
N GLU B 141 27.72 14.36 -13.10
CA GLU B 141 27.94 14.81 -14.49
C GLU B 141 26.67 14.75 -15.35
N VAL B 142 25.79 13.79 -15.04
CA VAL B 142 24.57 13.59 -15.81
C VAL B 142 23.50 14.57 -15.35
N LYS B 143 22.51 14.79 -16.19
CA LYS B 143 21.27 15.44 -15.77
C LYS B 143 20.13 14.52 -16.09
N TRP B 144 19.42 14.13 -15.03
CA TRP B 144 18.37 13.13 -15.12
C TRP B 144 17.13 13.58 -14.38
N THR B 145 15.98 13.27 -14.95
CA THR B 145 14.69 13.57 -14.32
C THR B 145 13.81 12.37 -14.57
N HIS B 146 12.88 12.13 -13.66
CA HIS B 146 11.99 10.99 -13.83
C HIS B 146 11.16 11.15 -15.11
N GLU B 147 10.81 12.38 -15.45
CA GLU B 147 9.99 12.63 -16.64
C GLU B 147 10.71 12.21 -17.94
N GLN B 148 12.00 12.50 -18.04
CA GLN B 148 12.81 12.00 -19.17
C GLN B 148 12.79 10.50 -19.16
N GLY B 149 12.90 9.94 -17.96
CA GLY B 149 12.84 8.50 -17.80
C GLY B 149 11.52 7.93 -18.26
N SER B 150 10.45 8.68 -18.04
CA SER B 150 9.13 8.21 -18.41
C SER B 150 9.01 8.12 -19.96
N VAL B 151 9.61 9.06 -20.66
CA VAL B 151 9.62 9.02 -22.14
C VAL B 151 10.37 7.77 -22.63
N MET B 152 11.57 7.57 -22.11
CA MET B 152 12.39 6.41 -22.49
C MET B 152 11.68 5.12 -22.13
N MET B 153 11.11 5.06 -20.93
CA MET B 153 10.40 3.84 -20.54
C MET B 153 9.14 3.64 -21.37
N PHE B 154 8.48 4.74 -21.71
CA PHE B 154 7.29 4.65 -22.56
C PHE B 154 7.66 4.08 -23.95
N GLU B 155 8.72 4.63 -24.53
CA GLU B 155 9.24 4.12 -25.82
C GLU B 155 9.51 2.61 -25.72
N HIS B 156 10.16 2.21 -24.62
CA HIS B 156 10.52 0.80 -24.40
C HIS B 156 9.30 -0.07 -24.24
N LEU B 157 8.31 0.45 -23.51
CA LEU B 157 7.04 -0.25 -23.33
C LEU B 157 6.36 -0.49 -24.69
N ILE B 158 6.26 0.57 -25.47
CA ILE B 158 5.63 0.48 -26.81
C ILE B 158 6.31 -0.59 -27.67
N ASN B 159 7.62 -0.47 -27.80
CA ASN B 159 8.38 -1.34 -28.71
C ASN B 159 8.48 -2.79 -28.28
N SER B 160 8.62 -3.02 -26.98
CA SER B 160 8.76 -4.38 -26.44
C SER B 160 7.45 -5.15 -26.39
N ASN B 161 6.34 -4.43 -26.49
CA ASN B 161 5.04 -5.08 -26.33
C ASN B 161 4.13 -4.99 -27.55
N GLY B 162 4.68 -4.50 -28.67
CA GLY B 162 3.93 -4.41 -29.93
C GLY B 162 2.65 -3.61 -29.81
N ILE B 163 2.75 -2.41 -29.23
CA ILE B 163 1.58 -1.59 -28.92
C ILE B 163 1.09 -0.82 -30.15
N LYS B 164 2.00 -0.45 -31.04
CA LYS B 164 1.62 0.36 -32.22
C LYS B 164 0.45 -0.21 -33.02
N PRO B 165 0.47 -1.51 -33.35
CA PRO B 165 -0.71 -2.07 -34.04
C PRO B 165 -1.99 -1.93 -33.24
N VAL B 166 -1.87 -2.05 -31.92
CA VAL B 166 -3.06 -1.98 -31.06
C VAL B 166 -3.57 -0.54 -31.07
N MET B 167 -2.66 0.42 -30.99
CA MET B 167 -3.03 1.82 -31.11
C MET B 167 -3.82 2.08 -32.41
N GLU B 168 -3.25 1.64 -33.53
CA GLU B 168 -3.89 1.84 -34.83
C GLU B 168 -5.29 1.27 -34.81
N GLN B 169 -5.41 0.03 -34.35
CA GLN B 169 -6.70 -0.63 -34.22
C GLN B 169 -7.79 0.24 -33.56
N TYR B 170 -7.40 1.19 -32.70
CA TYR B 170 -8.38 2.04 -32.00
C TYR B 170 -8.34 3.50 -32.42
N GLY B 171 -7.88 3.74 -33.66
CA GLY B 171 -8.00 5.05 -34.27
C GLY B 171 -6.85 5.96 -33.99
N LEU B 172 -5.84 5.48 -33.28
CA LEU B 172 -4.66 6.31 -33.08
C LEU B 172 -3.75 6.26 -34.29
N ILE B 173 -3.00 7.33 -34.49
CA ILE B 173 -1.95 7.38 -35.50
C ILE B 173 -0.61 7.40 -34.76
N PRO B 174 0.01 6.21 -34.58
CA PRO B 174 1.13 6.01 -33.66
C PRO B 174 2.22 7.03 -33.72
N GLU B 175 2.71 7.31 -34.91
CA GLU B 175 3.89 8.15 -35.00
C GLU B 175 3.59 9.54 -34.43
N GLU B 176 2.49 10.15 -34.88
CA GLU B 176 2.00 11.42 -34.31
C GLU B 176 1.64 11.35 -32.82
N ASP B 177 0.86 10.34 -32.46
CA ASP B 177 0.27 10.25 -31.13
C ASP B 177 1.27 9.84 -30.06
N ILE B 178 2.20 8.96 -30.41
CA ILE B 178 3.30 8.61 -29.52
C ILE B 178 4.07 9.87 -29.20
N TYR B 179 4.36 10.65 -30.23
CA TYR B 179 5.06 11.92 -30.05
C TYR B 179 4.27 12.87 -29.14
N PHE B 180 2.97 12.93 -29.37
CA PHE B 180 2.06 13.76 -28.57
C PHE B 180 2.09 13.36 -27.08
N ILE B 181 2.01 12.05 -26.84
CA ILE B 181 2.04 11.49 -25.49
C ILE B 181 3.32 11.90 -24.77
N LYS B 182 4.45 11.75 -25.45
CA LYS B 182 5.74 12.15 -24.88
C LYS B 182 5.79 13.63 -24.56
N GLU B 183 5.22 14.46 -25.42
CA GLU B 183 5.17 15.89 -25.17
C GLU B 183 4.33 16.21 -23.93
N GLN B 184 3.20 15.53 -23.76
CA GLN B 184 2.37 15.69 -22.57
C GLN B 184 3.11 15.36 -21.27
N ILE B 185 4.01 14.38 -21.37
CA ILE B 185 4.80 13.93 -20.23
C ILE B 185 5.94 14.85 -19.88
N VAL B 186 6.78 15.17 -20.86
CA VAL B 186 8.02 15.88 -20.59
C VAL B 186 8.01 17.35 -21.03
N GLY B 187 6.97 17.78 -21.73
CA GLY B 187 6.95 19.12 -22.31
C GLY B 187 7.54 19.12 -23.71
N PRO B 188 7.84 20.31 -24.26
CA PRO B 188 8.36 20.41 -25.62
C PRO B 188 9.63 19.59 -25.84
N LEU B 189 9.71 18.87 -26.95
CA LEU B 189 10.85 17.98 -27.24
C LEU B 189 11.99 18.67 -28.00
N GLU B 190 11.95 19.99 -28.11
CA GLU B 190 12.95 20.73 -28.88
C GLU B 190 13.02 22.20 -28.44
N SER B 191 13.74 22.99 -29.23
CA SER B 191 13.74 24.46 -29.16
C SER B 191 14.12 24.97 -27.77
N LEU B 197 7.17 30.98 -30.59
CA LEU B 197 6.23 30.19 -31.39
C LEU B 197 5.64 28.99 -30.65
N TRP B 198 4.64 28.37 -31.27
CA TRP B 198 4.02 27.14 -30.79
C TRP B 198 5.03 25.96 -30.88
N PRO B 199 5.52 25.48 -29.72
CA PRO B 199 6.63 24.53 -29.69
C PRO B 199 6.23 23.06 -29.73
N TYR B 200 4.94 22.77 -29.89
CA TYR B 200 4.46 21.40 -29.87
C TYR B 200 4.09 20.92 -31.28
N LYS B 201 4.32 19.64 -31.54
CA LYS B 201 4.01 19.03 -32.83
C LYS B 201 2.88 18.00 -32.82
N GLY B 202 2.63 17.38 -31.68
CA GLY B 202 1.61 16.33 -31.60
C GLY B 202 0.20 16.86 -31.86
N ARG B 203 -0.04 18.10 -31.45
CA ARG B 203 -1.34 18.75 -31.61
C ARG B 203 -1.11 20.26 -31.82
N PRO B 204 -2.04 20.92 -32.52
CA PRO B 204 -1.96 22.36 -32.81
C PRO B 204 -2.48 23.29 -31.70
N GLU B 205 -2.30 24.59 -31.91
CA GLU B 205 -2.71 25.63 -30.94
C GLU B 205 -4.17 25.54 -30.48
N ASN B 206 -5.05 25.16 -31.39
CA ASN B 206 -6.48 25.04 -31.09
C ASN B 206 -6.83 23.82 -30.22
N LYS B 207 -5.83 22.98 -29.96
CA LYS B 207 -5.93 21.93 -28.95
C LYS B 207 -4.82 22.07 -27.89
N SER B 208 -4.40 23.31 -27.67
CA SER B 208 -3.43 23.65 -26.64
C SER B 208 -3.84 23.08 -25.29
N PHE B 209 -5.13 23.23 -24.98
CA PHE B 209 -5.70 22.79 -23.71
C PHE B 209 -5.44 21.31 -23.40
N LEU B 210 -5.20 20.50 -24.43
CA LEU B 210 -4.88 19.10 -24.22
C LEU B 210 -3.54 18.92 -23.52
N TYR B 211 -2.61 19.84 -23.73
CA TYR B 211 -1.30 19.82 -23.06
C TYR B 211 -1.33 20.29 -21.58
N GLU B 212 -2.49 20.75 -21.11
CA GLU B 212 -2.66 21.29 -19.76
C GLU B 212 -3.28 20.28 -18.80
N ILE B 213 -3.57 19.08 -19.28
CA ILE B 213 -4.36 18.14 -18.53
C ILE B 213 -3.53 17.24 -17.60
N VAL B 214 -2.47 16.63 -18.12
CA VAL B 214 -1.71 15.68 -17.34
C VAL B 214 -0.67 16.39 -16.52
N SER B 215 0.14 17.17 -17.19
CA SER B 215 1.21 17.91 -16.56
C SER B 215 1.21 19.32 -17.10
N ASN B 216 0.68 20.24 -16.30
CA ASN B 216 0.49 21.61 -16.71
C ASN B 216 1.70 22.44 -16.37
N LYS B 217 2.53 22.69 -17.38
CA LYS B 217 3.79 23.38 -17.21
C LYS B 217 3.58 24.87 -17.04
N ARG B 218 2.42 25.38 -17.44
CA ARG B 218 2.17 26.82 -17.38
C ARG B 218 1.76 27.32 -15.99
N ASN B 219 0.86 26.62 -15.34
CA ASN B 219 0.40 27.05 -14.02
C ASN B 219 0.23 25.93 -12.97
N GLY B 220 0.56 24.70 -13.34
CA GLY B 220 0.52 23.56 -12.41
C GLY B 220 -0.85 23.01 -12.07
N ILE B 221 -1.89 23.52 -12.74
CA ILE B 221 -3.22 22.99 -12.53
C ILE B 221 -3.44 21.80 -13.44
N ASP B 222 -3.37 20.60 -12.88
CA ASP B 222 -3.50 19.40 -13.68
C ASP B 222 -4.09 18.32 -12.83
N VAL B 223 -4.41 17.21 -13.50
CA VAL B 223 -5.07 16.09 -12.85
C VAL B 223 -4.13 15.23 -12.01
N ASP B 224 -2.83 15.40 -12.20
CA ASP B 224 -1.83 14.67 -11.42
C ASP B 224 -2.00 15.06 -9.95
N LYS B 225 -1.98 16.37 -9.68
CA LYS B 225 -2.26 16.93 -8.35
C LYS B 225 -3.56 16.43 -7.78
N TRP B 226 -4.58 16.43 -8.61
CA TRP B 226 -5.91 16.07 -8.16
C TRP B 226 -5.95 14.67 -7.66
N ASP B 227 -5.23 13.76 -8.32
CA ASP B 227 -5.21 12.42 -7.83
C ASP B 227 -4.37 12.33 -6.53
N TYR B 228 -3.18 12.94 -6.52
CA TYR B 228 -2.27 12.70 -5.38
C TYR B 228 -2.76 13.42 -4.10
N PHE B 229 -3.38 14.60 -4.23
CA PHE B 229 -4.07 15.22 -3.10
C PHE B 229 -4.97 14.24 -2.41
N ALA B 230 -5.85 13.65 -3.21
CA ALA B 230 -6.88 12.76 -2.69
C ALA B 230 -6.30 11.43 -2.22
N ARG B 231 -5.38 10.88 -3.02
CA ARG B 231 -4.82 9.58 -2.71
C ARG B 231 -3.87 9.66 -1.51
N ASP B 232 -2.95 10.61 -1.55
CA ASP B 232 -2.00 10.72 -0.46
C ASP B 232 -2.73 11.00 0.85
N CYS B 233 -3.72 11.89 0.80
CA CYS B 233 -4.51 12.21 2.00
C CYS B 233 -5.15 10.98 2.60
N HIS B 234 -5.73 10.15 1.72
CA HIS B 234 -6.41 8.92 2.12
C HIS B 234 -5.47 7.94 2.87
N HIS B 235 -4.22 7.91 2.45
CA HIS B 235 -3.27 6.98 3.03
C HIS B 235 -2.54 7.60 4.22
N LEU B 236 -2.30 8.90 4.16
CA LEU B 236 -1.54 9.58 5.19
C LEU B 236 -2.36 9.73 6.50
N GLY B 237 -3.69 9.82 6.39
CA GLY B 237 -4.53 10.17 7.54
C GLY B 237 -4.55 11.68 7.75
N ILE B 238 -4.41 12.43 6.65
CA ILE B 238 -4.62 13.87 6.62
C ILE B 238 -5.75 14.08 5.64
N GLN B 239 -6.64 15.03 5.93
CA GLN B 239 -7.85 15.16 5.12
C GLN B 239 -7.69 16.16 3.98
N ASN B 240 -8.22 15.78 2.82
CA ASN B 240 -8.11 16.64 1.65
C ASN B 240 -9.18 17.75 1.72
N ASN B 241 -8.81 18.99 1.47
CA ASN B 241 -9.76 20.11 1.37
C ASN B 241 -9.97 20.73 -0.06
N PHE B 242 -9.41 20.11 -1.09
CA PHE B 242 -9.62 20.54 -2.48
C PHE B 242 -10.67 19.69 -3.16
N ASP B 243 -11.57 20.34 -3.91
CA ASP B 243 -12.66 19.63 -4.59
C ASP B 243 -12.48 19.70 -6.14
N TYR B 244 -11.93 18.62 -6.70
CA TYR B 244 -11.59 18.59 -8.12
C TYR B 244 -12.85 18.49 -8.98
N LYS B 245 -13.86 17.77 -8.50
CA LYS B 245 -15.12 17.69 -9.20
C LYS B 245 -15.77 19.05 -9.35
N ARG B 246 -15.64 19.90 -8.34
CA ARG B 246 -16.16 21.26 -8.44
C ARG B 246 -15.40 21.98 -9.53
N PHE B 247 -14.09 21.90 -9.47
CA PHE B 247 -13.27 22.59 -10.46
C PHE B 247 -13.71 22.22 -11.88
N ILE B 248 -13.89 20.94 -12.14
CA ILE B 248 -14.30 20.47 -13.48
C ILE B 248 -15.61 21.13 -13.96
N LYS B 249 -16.56 21.26 -13.05
CA LYS B 249 -17.83 21.92 -13.34
C LYS B 249 -17.66 23.40 -13.64
N PHE B 250 -16.58 23.99 -13.17
CA PHE B 250 -16.36 25.42 -13.36
C PHE B 250 -15.17 25.67 -14.24
N ALA B 251 -14.96 24.77 -15.19
CA ALA B 251 -13.84 24.90 -16.13
C ALA B 251 -14.40 24.94 -17.55
N ARG B 252 -13.80 25.79 -18.36
CA ARG B 252 -14.16 25.93 -19.77
C ARG B 252 -12.91 26.17 -20.56
N VAL B 253 -13.04 26.07 -21.88
CA VAL B 253 -11.92 26.39 -22.75
C VAL B 253 -12.26 27.68 -23.49
N CYS B 254 -11.36 28.63 -23.40
CA CYS B 254 -11.53 29.93 -24.02
C CYS B 254 -10.27 30.31 -24.78
N GLU B 255 -10.44 31.21 -25.73
CA GLU B 255 -9.32 31.76 -26.48
C GLU B 255 -8.48 32.69 -25.61
N VAL B 256 -7.19 32.39 -25.53
CA VAL B 256 -6.24 33.22 -24.80
C VAL B 256 -5.01 33.36 -25.68
N ASP B 257 -4.74 34.58 -26.13
CA ASP B 257 -3.57 34.85 -26.98
C ASP B 257 -3.41 33.82 -28.09
N ASN B 258 -4.50 33.55 -28.81
CA ASN B 258 -4.45 32.64 -29.97
C ASN B 258 -4.43 31.13 -29.70
N GLU B 259 -4.37 30.72 -28.44
CA GLU B 259 -4.51 29.31 -28.08
C GLU B 259 -5.88 29.11 -27.47
N LEU B 260 -6.37 27.89 -27.53
CA LEU B 260 -7.53 27.53 -26.74
C LEU B 260 -7.02 26.91 -25.45
N ARG B 261 -7.32 27.59 -24.34
CA ARG B 261 -6.84 27.21 -23.00
C ARG B 261 -7.93 27.01 -21.98
N ILE B 262 -7.65 26.13 -21.02
CA ILE B 262 -8.55 25.89 -19.91
C ILE B 262 -8.64 27.14 -19.04
N CYS B 263 -9.85 27.57 -18.79
CA CYS B 263 -10.12 28.74 -17.94
C CYS B 263 -11.04 28.35 -16.81
N ALA B 264 -10.86 29.00 -15.66
CA ALA B 264 -11.70 28.73 -14.48
C ALA B 264 -12.74 29.85 -14.33
N ARG B 265 -13.92 29.50 -13.85
CA ARG B 265 -14.89 30.49 -13.45
C ARG B 265 -14.26 31.51 -12.48
N ASP B 266 -14.52 32.79 -12.71
CA ASP B 266 -13.92 33.86 -11.92
C ASP B 266 -14.07 33.68 -10.40
N LYS B 267 -15.25 33.31 -9.94
CA LYS B 267 -15.47 33.25 -8.49
C LYS B 267 -14.75 32.06 -7.83
N GLU B 268 -14.22 31.14 -8.63
CA GLU B 268 -13.37 30.06 -8.15
C GLU B 268 -11.92 30.44 -7.82
N VAL B 269 -11.57 31.70 -7.98
CA VAL B 269 -10.20 32.15 -7.77
C VAL B 269 -9.75 31.85 -6.32
N GLY B 270 -10.65 32.03 -5.36
CA GLY B 270 -10.38 31.71 -3.95
C GLY B 270 -10.02 30.26 -3.81
N ASN B 271 -10.84 29.40 -4.39
CA ASN B 271 -10.60 27.97 -4.38
C ASN B 271 -9.30 27.55 -5.09
N LEU B 272 -8.87 28.32 -6.09
CA LEU B 272 -7.61 28.04 -6.76
C LEU B 272 -6.42 28.37 -5.89
N TYR B 273 -6.42 29.54 -5.27
CA TYR B 273 -5.42 29.83 -4.25
C TYR B 273 -5.38 28.71 -3.19
N ASP B 274 -6.54 28.26 -2.75
CA ASP B 274 -6.61 27.20 -1.75
C ASP B 274 -6.01 25.87 -2.22
N MET B 275 -6.15 25.58 -3.53
CA MET B 275 -5.53 24.41 -4.14
C MET B 275 -4.01 24.43 -3.93
N PHE B 276 -3.39 25.57 -4.16
CA PHE B 276 -1.92 25.64 -4.00
C PHE B 276 -1.52 25.69 -2.51
N HIS B 277 -2.41 26.22 -1.69
CA HIS B 277 -2.23 26.18 -0.24
C HIS B 277 -2.26 24.74 0.27
N THR B 278 -3.17 23.93 -0.26
CA THR B 278 -3.26 22.50 0.07
C THR B 278 -1.97 21.77 -0.29
N ARG B 279 -1.52 21.97 -1.54
CA ARG B 279 -0.23 21.43 -1.97
C ARG B 279 0.89 21.76 -0.98
N ASN B 280 1.00 23.03 -0.62
CA ASN B 280 2.03 23.48 0.30
C ASN B 280 1.88 22.85 1.70
N SER B 281 0.64 22.70 2.18
CA SER B 281 0.41 22.07 3.48
C SER B 281 0.80 20.62 3.47
N LEU B 282 0.56 19.93 2.37
CA LEU B 282 0.95 18.55 2.25
C LEU B 282 2.48 18.39 2.23
N HIS B 283 3.18 19.27 1.54
CA HIS B 283 4.64 19.27 1.57
C HIS B 283 5.14 19.52 3.00
N ARG B 284 4.49 20.49 3.65
CA ARG B 284 4.85 20.88 5.00
C ARG B 284 4.62 19.76 6.01
N ARG B 285 3.44 19.16 5.99
CA ARG B 285 3.08 18.17 6.98
C ARG B 285 3.70 16.80 6.70
N ALA B 286 3.75 16.43 5.42
CA ALA B 286 4.06 15.07 5.06
C ALA B 286 5.30 14.92 4.18
N TYR B 287 5.33 15.53 2.99
CA TYR B 287 6.36 15.18 2.00
C TYR B 287 7.74 15.66 2.42
N GLN B 288 7.81 16.83 3.05
CA GLN B 288 9.05 17.32 3.62
C GLN B 288 9.15 17.10 5.16
N HIS B 289 8.48 16.09 5.67
CA HIS B 289 8.58 15.76 7.11
C HIS B 289 10.07 15.59 7.45
N LYS B 290 10.49 16.23 8.53
CA LYS B 290 11.94 16.26 8.87
C LYS B 290 12.54 14.87 9.05
N VAL B 291 11.78 13.95 9.60
CA VAL B 291 12.21 12.57 9.74
C VAL B 291 12.09 11.75 8.43
N GLY B 292 11.00 11.94 7.69
CA GLY B 292 10.88 11.33 6.37
C GLY B 292 12.12 11.65 5.52
N ASN B 293 12.50 12.91 5.50
CA ASN B 293 13.65 13.38 4.72
C ASN B 293 14.97 12.77 5.16
N ILE B 294 15.13 12.53 6.46
CA ILE B 294 16.37 11.97 6.95
C ILE B 294 16.40 10.49 6.62
N ILE B 295 15.24 9.85 6.62
CA ILE B 295 15.18 8.49 6.16
C ILE B 295 15.54 8.33 4.66
N ASP B 296 15.05 9.25 3.83
CA ASP B 296 15.41 9.27 2.40
C ASP B 296 16.92 9.50 2.26
N THR B 297 17.46 10.38 3.09
CA THR B 297 18.89 10.68 3.12
C THR B 297 19.69 9.43 3.44
N MET B 298 19.24 8.69 4.44
CA MET B 298 19.96 7.51 4.88
C MET B 298 19.86 6.40 3.86
N ILE B 299 18.66 6.21 3.32
CA ILE B 299 18.50 5.23 2.25
C ILE B 299 19.44 5.57 1.09
N THR B 300 19.51 6.83 0.74
CA THR B 300 20.36 7.29 -0.36
C THR B 300 21.84 7.01 -0.07
N ASP B 301 22.25 7.22 1.17
CA ASP B 301 23.62 6.93 1.61
C ASP B 301 23.90 5.46 1.44
N ALA B 302 22.93 4.62 1.79
CA ALA B 302 23.09 3.19 1.64
C ALA B 302 23.24 2.77 0.16
N PHE B 303 22.40 3.36 -0.69
CA PHE B 303 22.50 3.14 -2.15
C PHE B 303 23.88 3.55 -2.67
N LEU B 304 24.35 4.70 -2.23
CA LEU B 304 25.66 5.19 -2.62
C LEU B 304 26.78 4.22 -2.22
N LYS B 305 26.70 3.67 -1.02
CA LYS B 305 27.69 2.70 -0.56
C LYS B 305 27.54 1.33 -1.18
N ALA B 306 26.38 1.07 -1.76
CA ALA B 306 26.11 -0.19 -2.44
C ALA B 306 26.38 -0.12 -3.93
N ASP B 307 26.47 1.08 -4.48
CA ASP B 307 26.40 1.26 -5.95
C ASP B 307 27.51 0.52 -6.73
N ASP B 308 28.71 0.43 -6.15
CA ASP B 308 29.84 -0.28 -6.76
C ASP B 308 29.68 -1.79 -6.82
N TYR B 309 28.75 -2.35 -6.05
CA TYR B 309 28.72 -3.79 -5.83
C TYR B 309 27.46 -4.49 -6.30
N ILE B 310 26.38 -3.74 -6.50
CA ILE B 310 25.17 -4.35 -6.99
C ILE B 310 25.17 -4.31 -8.52
N GLU B 311 24.70 -5.40 -9.10
CA GLU B 311 24.72 -5.63 -10.52
C GLU B 311 23.31 -5.88 -11.02
N ILE B 312 22.90 -5.11 -12.02
CA ILE B 312 21.60 -5.31 -12.64
C ILE B 312 21.81 -5.60 -14.12
N THR B 313 21.27 -6.73 -14.57
CA THR B 313 21.45 -7.16 -15.94
C THR B 313 20.42 -6.51 -16.85
N GLY B 314 20.94 -5.85 -17.89
CA GLY B 314 20.11 -5.15 -18.87
C GLY B 314 20.14 -5.80 -20.24
N ALA B 315 20.01 -4.97 -21.28
CA ALA B 315 19.94 -5.46 -22.66
C ALA B 315 21.22 -6.18 -23.09
N GLY B 316 21.04 -7.34 -23.69
CA GLY B 316 22.15 -8.18 -24.19
C GLY B 316 23.12 -8.62 -23.11
N GLY B 317 22.59 -8.88 -21.91
CA GLY B 317 23.41 -9.32 -20.77
C GLY B 317 24.33 -8.28 -20.14
N LYS B 318 24.37 -7.07 -20.68
CA LYS B 318 25.23 -6.02 -20.11
C LYS B 318 24.90 -5.76 -18.65
N LYS B 319 25.92 -5.40 -17.90
CA LYS B 319 25.79 -5.21 -16.46
C LYS B 319 25.67 -3.73 -16.18
N TYR B 320 24.76 -3.38 -15.27
CA TYR B 320 24.62 -1.99 -14.87
C TYR B 320 24.64 -1.85 -13.35
N ARG B 321 24.85 -0.64 -12.90
CA ARG B 321 24.78 -0.33 -11.49
C ARG B 321 23.49 0.42 -11.19
N ILE B 322 23.19 0.58 -9.90
CA ILE B 322 21.99 1.35 -9.50
C ILE B 322 22.03 2.71 -10.20
N SER B 323 23.19 3.35 -10.18
CA SER B 323 23.34 4.67 -10.78
C SER B 323 23.35 4.69 -12.32
N THR B 324 23.65 3.55 -12.96
CA THR B 324 23.73 3.50 -14.44
C THR B 324 22.57 2.77 -15.08
N ALA B 325 21.70 2.16 -14.28
CA ALA B 325 20.50 1.49 -14.81
C ALA B 325 19.58 2.43 -15.57
N ILE B 326 19.67 3.73 -15.27
CA ILE B 326 18.88 4.75 -15.99
C ILE B 326 19.23 4.83 -17.49
N ASP B 327 20.39 4.28 -17.86
CA ASP B 327 20.87 4.28 -19.25
C ASP B 327 20.34 3.11 -20.06
N ASP B 328 19.70 2.14 -19.41
CA ASP B 328 19.19 0.98 -20.07
C ASP B 328 17.84 0.56 -19.52
N MET B 329 16.80 0.72 -20.31
CA MET B 329 15.43 0.57 -19.83
C MET B 329 15.12 -0.85 -19.43
N GLU B 330 15.83 -1.79 -20.03
CA GLU B 330 15.64 -3.19 -19.67
C GLU B 330 16.15 -3.44 -18.24
N ALA B 331 17.29 -2.87 -17.92
CA ALA B 331 17.83 -2.92 -16.56
C ALA B 331 16.94 -2.12 -15.60
N TYR B 332 16.57 -0.92 -16.03
CA TYR B 332 15.79 0.02 -15.22
C TYR B 332 14.43 -0.56 -14.82
N THR B 333 13.88 -1.39 -15.72
CA THR B 333 12.66 -2.14 -15.45
C THR B 333 12.76 -2.99 -14.17
N LYS B 334 13.97 -3.44 -13.87
CA LYS B 334 14.23 -4.27 -12.71
C LYS B 334 14.78 -3.48 -11.52
N LEU B 335 14.74 -2.16 -11.60
CA LEU B 335 15.23 -1.30 -10.54
C LEU B 335 14.08 -0.64 -9.81
N THR B 336 13.68 -1.25 -8.71
CA THR B 336 12.55 -0.77 -7.90
C THR B 336 12.92 -0.70 -6.40
N ASP B 337 11.90 -0.57 -5.53
CA ASP B 337 12.16 -0.52 -4.09
C ASP B 337 12.80 -1.82 -3.57
N ASN B 338 12.65 -2.91 -4.33
CA ASN B 338 13.36 -4.19 -4.09
C ASN B 338 14.86 -4.01 -3.75
N ILE B 339 15.49 -3.00 -4.31
CA ILE B 339 16.92 -2.81 -4.09
C ILE B 339 17.25 -2.54 -2.60
N PHE B 340 16.31 -1.90 -1.90
CA PHE B 340 16.42 -1.69 -0.46
C PHE B 340 16.55 -3.02 0.24
N LEU B 341 15.67 -3.95 -0.07
CA LEU B 341 15.71 -5.26 0.55
C LEU B 341 16.87 -6.16 0.05
N GLU B 342 17.28 -6.00 -1.21
CA GLU B 342 18.46 -6.73 -1.69
C GLU B 342 19.64 -6.34 -0.82
N ILE B 343 19.78 -5.05 -0.57
CA ILE B 343 20.84 -4.56 0.28
C ILE B 343 20.68 -5.07 1.72
N LEU B 344 19.48 -4.93 2.26
CA LEU B 344 19.20 -5.33 3.65
C LEU B 344 19.46 -6.80 3.89
N TYR B 345 19.09 -7.63 2.92
CA TYR B 345 19.21 -9.06 3.06
C TYR B 345 20.54 -9.62 2.56
N SER B 346 21.42 -8.77 2.05
CA SER B 346 22.67 -9.25 1.46
C SER B 346 23.62 -9.85 2.51
N THR B 347 24.52 -10.71 2.07
CA THR B 347 25.59 -11.23 2.94
C THR B 347 27.00 -10.80 2.49
N ASP B 348 27.14 -10.45 1.23
CA ASP B 348 28.40 -9.96 0.69
C ASP B 348 29.08 -8.95 1.62
N PRO B 349 30.30 -9.26 2.11
CA PRO B 349 31.05 -8.33 2.97
C PRO B 349 31.21 -6.94 2.38
N LYS B 350 31.27 -6.86 1.06
CA LYS B 350 31.42 -5.57 0.37
C LYS B 350 30.20 -4.67 0.54
N LEU B 351 29.05 -5.28 0.82
CA LEU B 351 27.79 -4.55 1.08
C LEU B 351 27.54 -4.28 2.56
N LYS B 352 28.55 -4.56 3.39
CA LYS B 352 28.39 -4.42 4.84
C LYS B 352 28.04 -3.00 5.22
N ASP B 353 28.77 -2.03 4.68
CA ASP B 353 28.55 -0.64 5.00
C ASP B 353 27.15 -0.16 4.59
N ALA B 354 26.69 -0.60 3.42
CA ALA B 354 25.36 -0.22 2.92
C ALA B 354 24.32 -0.83 3.84
N ARG B 355 24.45 -2.14 4.01
CA ARG B 355 23.60 -2.95 4.85
C ARG B 355 23.47 -2.38 6.29
N GLU B 356 24.57 -1.86 6.82
CA GLU B 356 24.58 -1.35 8.19
C GLU B 356 23.76 -0.07 8.31
N ILE B 357 23.73 0.71 7.25
CA ILE B 357 22.93 1.93 7.27
C ILE B 357 21.45 1.55 7.33
N LEU B 358 21.05 0.57 6.53
CA LEU B 358 19.66 0.16 6.50
C LEU B 358 19.24 -0.47 7.82
N LYS B 359 20.17 -1.18 8.46
CA LYS B 359 19.90 -1.77 9.77
C LYS B 359 19.70 -0.70 10.82
N GLN B 360 20.50 0.35 10.78
CA GLN B 360 20.25 1.49 11.63
C GLN B 360 18.82 2.05 11.44
N ILE B 361 18.32 2.02 10.21
CA ILE B 361 16.95 2.50 9.94
C ILE B 361 16.00 1.61 10.69
N GLU B 362 16.18 0.31 10.57
CA GLU B 362 15.33 -0.67 11.21
C GLU B 362 15.31 -0.61 12.74
N TYR B 363 16.47 -0.32 13.33
CA TYR B 363 16.59 -0.16 14.80
C TYR B 363 16.19 1.23 15.22
N ARG B 364 15.89 2.08 14.25
CA ARG B 364 15.47 3.44 14.49
C ARG B 364 16.58 4.24 15.16
N ASN B 365 17.81 3.92 14.79
CA ASN B 365 18.96 4.71 15.17
C ASN B 365 19.25 5.71 14.06
N LEU B 366 18.40 6.74 13.97
CA LEU B 366 18.43 7.70 12.87
C LEU B 366 19.29 8.88 13.21
N PHE B 367 19.77 9.56 12.19
CA PHE B 367 20.45 10.81 12.41
C PHE B 367 19.49 11.72 13.17
N LYS B 368 20.07 12.58 14.01
CA LYS B 368 19.25 13.36 14.93
C LYS B 368 18.94 14.73 14.36
N TYR B 369 17.67 15.11 14.42
CA TYR B 369 17.24 16.43 13.97
C TYR B 369 17.71 17.47 14.97
N VAL B 370 18.39 18.49 14.49
CA VAL B 370 18.94 19.52 15.33
C VAL B 370 18.02 20.73 15.35
N GLY B 371 17.57 21.14 14.17
CA GLY B 371 16.69 22.29 14.07
C GLY B 371 16.47 22.78 12.67
N GLU B 372 15.73 23.87 12.58
CA GLU B 372 15.34 24.48 11.32
C GLU B 372 15.48 25.97 11.43
N THR B 373 15.82 26.60 10.31
CA THR B 373 15.88 28.03 10.23
C THR B 373 15.56 28.44 8.78
N GLN B 374 15.49 29.73 8.54
CA GLN B 374 15.26 30.24 7.20
C GLN B 374 16.14 31.42 6.96
N PRO B 375 16.42 31.75 5.68
CA PRO B 375 17.06 33.03 5.37
C PRO B 375 16.09 34.16 5.62
N THR B 376 16.59 35.38 5.76
CA THR B 376 15.76 36.51 6.22
C THR B 376 15.29 37.50 5.15
N GLY B 377 16.21 38.01 4.35
CA GLY B 377 15.88 39.12 3.46
C GLY B 377 15.17 38.69 2.19
N GLN B 378 15.69 39.15 1.06
CA GLN B 378 15.41 38.54 -0.24
C GLN B 378 16.50 37.50 -0.46
N ILE B 379 17.28 37.27 0.60
CA ILE B 379 18.45 36.37 0.57
C ILE B 379 18.00 34.98 0.15
N LYS B 380 18.73 34.40 -0.78
CA LYS B 380 18.46 33.03 -1.23
C LYS B 380 19.75 32.21 -1.23
N ILE B 381 19.69 31.03 -0.63
CA ILE B 381 20.82 30.11 -0.64
C ILE B 381 20.91 29.43 -1.99
N LYS B 382 22.02 29.65 -2.67
CA LYS B 382 22.27 29.03 -3.98
C LYS B 382 22.62 27.57 -3.83
N ARG B 383 22.19 26.78 -4.80
CA ARG B 383 22.42 25.33 -4.80
C ARG B 383 23.91 24.98 -4.88
N GLU B 384 24.68 25.83 -5.55
CA GLU B 384 26.13 25.64 -5.66
C GLU B 384 26.81 25.68 -4.27
N ASP B 385 26.16 26.34 -3.31
CA ASP B 385 26.69 26.48 -1.95
C ASP B 385 26.19 25.46 -0.93
N TYR B 386 25.27 24.58 -1.33
CA TYR B 386 24.69 23.61 -0.38
C TYR B 386 25.78 22.77 0.27
N GLU B 387 26.71 22.33 -0.56
CA GLU B 387 27.78 21.42 -0.14
C GLU B 387 28.68 22.02 0.94
N SER B 388 28.83 23.35 0.92
CA SER B 388 29.69 24.06 1.85
C SER B 388 29.06 24.31 3.24
N LEU B 389 27.77 24.01 3.39
CA LEU B 389 27.04 24.38 4.60
C LEU B 389 27.43 23.63 5.86
N PRO B 390 27.54 22.29 5.81
CA PRO B 390 27.94 21.55 6.99
C PRO B 390 29.28 22.04 7.58
N LYS B 391 30.21 22.37 6.71
CA LYS B 391 31.46 22.99 7.14
C LYS B 391 31.21 24.29 7.87
N GLU B 392 30.32 25.14 7.37
CA GLU B 392 30.03 26.39 8.06
C GLU B 392 29.51 26.13 9.48
N VAL B 393 28.64 25.15 9.62
CA VAL B 393 28.05 24.83 10.91
C VAL B 393 29.15 24.38 11.88
N ALA B 394 30.00 23.48 11.40
CA ALA B 394 31.11 22.94 12.21
C ALA B 394 32.11 24.01 12.60
N SER B 395 32.20 25.07 11.79
CA SER B 395 33.13 26.17 12.05
C SER B 395 32.55 27.28 12.91
N ALA B 396 31.29 27.17 13.29
CA ALA B 396 30.70 28.12 14.25
C ALA B 396 31.39 27.97 15.62
N LYS B 397 31.47 29.06 16.35
CA LYS B 397 32.19 29.08 17.63
C LYS B 397 31.28 29.43 18.79
N PRO B 398 30.43 28.49 19.22
CA PRO B 398 29.49 28.83 20.29
C PRO B 398 30.22 29.04 21.61
N LYS B 399 29.88 30.11 22.31
CA LYS B 399 30.42 30.39 23.64
C LYS B 399 29.70 29.55 24.68
N VAL B 400 29.92 28.24 24.58
CA VAL B 400 29.35 27.29 25.50
C VAL B 400 30.42 26.26 25.76
N LEU B 401 30.47 25.80 27.00
CA LEU B 401 31.45 24.82 27.39
C LEU B 401 30.89 23.46 27.00
N LEU B 402 31.59 22.76 26.12
CA LEU B 402 31.10 21.49 25.57
C LEU B 402 32.08 20.35 25.83
N ASP B 403 31.54 19.14 25.99
CA ASP B 403 32.36 17.93 26.14
C ASP B 403 32.87 17.37 24.82
N VAL B 404 32.33 17.88 23.71
CA VAL B 404 32.54 17.29 22.40
C VAL B 404 32.82 18.38 21.39
N LYS B 405 33.69 18.06 20.45
CA LYS B 405 33.95 18.88 19.29
C LYS B 405 33.40 18.15 18.07
N LEU B 406 32.61 18.85 17.27
CA LEU B 406 31.99 18.24 16.08
C LEU B 406 32.62 18.75 14.80
N LYS B 407 32.71 17.88 13.79
CA LYS B 407 33.30 18.22 12.49
C LYS B 407 32.26 18.36 11.38
N ALA B 408 32.69 18.89 10.24
CA ALA B 408 31.82 19.08 9.07
C ALA B 408 31.01 17.82 8.74
N GLU B 409 31.67 16.67 8.82
CA GLU B 409 31.07 15.40 8.43
C GLU B 409 30.01 14.89 9.40
N ASP B 410 29.93 15.47 10.59
CA ASP B 410 28.91 15.09 11.57
C ASP B 410 27.56 15.74 11.28
N PHE B 411 27.59 16.82 10.51
CA PHE B 411 26.38 17.57 10.18
C PHE B 411 25.81 17.23 8.80
N ILE B 412 24.49 17.16 8.73
CA ILE B 412 23.75 17.21 7.45
C ILE B 412 22.94 18.51 7.40
N VAL B 413 23.07 19.25 6.32
CA VAL B 413 22.30 20.46 6.09
C VAL B 413 21.40 20.27 4.86
N ASP B 414 20.10 20.13 5.09
CA ASP B 414 19.10 19.85 4.04
C ASP B 414 18.36 21.13 3.71
N VAL B 415 18.55 21.66 2.50
CA VAL B 415 17.87 22.89 2.10
C VAL B 415 16.63 22.52 1.26
N ILE B 416 15.46 22.96 1.73
CA ILE B 416 14.18 22.64 1.11
C ILE B 416 13.55 23.88 0.47
N ASN B 417 13.32 23.80 -0.83
CA ASN B 417 12.65 24.89 -1.54
C ASN B 417 11.14 24.67 -1.47
N MET B 418 10.43 25.55 -0.79
CA MET B 418 8.96 25.45 -0.67
C MET B 418 8.36 26.56 -1.51
N ASP B 419 7.46 26.19 -2.43
CA ASP B 419 6.86 27.19 -3.32
C ASP B 419 5.53 26.72 -3.89
N TYR B 420 4.90 27.62 -4.63
CA TYR B 420 3.59 27.35 -5.24
C TYR B 420 3.72 26.71 -6.64
N GLY B 421 4.89 26.13 -6.93
CA GLY B 421 5.07 25.35 -8.14
C GLY B 421 5.78 26.07 -9.28
N MET B 422 5.96 27.37 -9.16
CA MET B 422 6.62 28.13 -10.21
C MET B 422 7.63 29.08 -9.63
N GLN B 423 8.47 28.55 -8.74
CA GLN B 423 9.49 29.33 -8.05
C GLN B 423 8.85 30.57 -7.38
N GLU B 424 9.39 31.75 -7.62
CA GLU B 424 8.88 33.00 -7.04
C GLU B 424 7.49 33.45 -7.55
N LYS B 425 7.01 32.84 -8.62
CA LYS B 425 5.84 33.35 -9.31
C LYS B 425 4.52 32.93 -8.67
N ASN B 426 3.54 33.82 -8.76
CA ASN B 426 2.17 33.50 -8.37
C ASN B 426 1.49 32.75 -9.53
N PRO B 427 1.18 31.47 -9.36
CA PRO B 427 0.58 30.70 -10.46
C PRO B 427 -0.77 31.26 -10.95
N ILE B 428 -1.48 31.95 -10.07
CA ILE B 428 -2.78 32.53 -10.43
C ILE B 428 -2.60 33.67 -11.45
N ASP B 429 -1.43 34.30 -11.47
CA ASP B 429 -1.10 35.25 -12.55
C ASP B 429 -1.01 34.59 -13.93
N HIS B 430 -0.89 33.27 -13.96
CA HIS B 430 -0.85 32.51 -15.22
C HIS B 430 -2.08 31.66 -15.40
N VAL B 431 -3.17 32.08 -14.77
CA VAL B 431 -4.48 31.44 -14.92
C VAL B 431 -5.39 32.46 -15.57
N SER B 432 -6.25 31.97 -16.45
CA SER B 432 -7.28 32.79 -17.04
C SER B 432 -8.65 32.34 -16.57
N PHE B 433 -9.54 33.30 -16.42
CA PHE B 433 -10.87 33.05 -15.87
C PHE B 433 -11.97 33.45 -16.86
N TYR B 434 -13.18 32.96 -16.62
CA TYR B 434 -14.35 33.43 -17.35
C TYR B 434 -15.46 33.83 -16.39
N CYS B 435 -16.29 34.76 -16.86
CA CYS B 435 -17.39 35.28 -16.07
C CYS B 435 -18.71 34.74 -16.54
N LYS B 436 -19.66 34.72 -15.62
CA LYS B 436 -20.99 34.18 -15.85
C LYS B 436 -21.66 34.79 -17.09
N THR B 437 -21.56 36.11 -17.24
CA THR B 437 -22.27 36.78 -18.32
C THR B 437 -21.60 36.63 -19.70
N ALA B 438 -20.32 36.26 -19.72
CA ALA B 438 -19.60 36.06 -21.00
C ALA B 438 -18.66 34.87 -20.94
N PRO B 439 -19.21 33.66 -20.93
CA PRO B 439 -18.41 32.48 -20.64
C PRO B 439 -17.36 32.11 -21.70
N ASN B 440 -17.32 32.82 -22.83
CA ASN B 440 -16.29 32.60 -23.84
C ASN B 440 -15.18 33.62 -23.81
N ARG B 441 -15.29 34.60 -22.92
CA ARG B 441 -14.28 35.63 -22.82
C ARG B 441 -13.33 35.40 -21.63
N ALA B 442 -12.06 35.18 -21.96
CA ALA B 442 -11.01 34.98 -20.96
C ALA B 442 -10.59 36.29 -20.36
N ILE B 443 -10.43 36.30 -19.04
CA ILE B 443 -9.97 37.47 -18.33
C ILE B 443 -8.88 37.08 -17.32
N ARG B 444 -8.23 38.11 -16.80
CA ARG B 444 -7.23 37.94 -15.78
C ARG B 444 -7.76 38.53 -14.50
N ILE B 445 -7.28 37.98 -13.39
CA ILE B 445 -7.59 38.48 -12.07
C ILE B 445 -6.26 38.62 -11.32
N THR B 446 -6.03 39.80 -10.76
CA THR B 446 -4.79 40.08 -10.03
C THR B 446 -4.95 39.75 -8.55
N LYS B 447 -3.83 39.71 -7.84
CA LYS B 447 -3.85 39.27 -6.43
C LYS B 447 -4.67 40.19 -5.53
N ASN B 448 -4.43 41.48 -5.66
CA ASN B 448 -5.17 42.49 -4.86
C ASN B 448 -6.69 42.59 -5.17
N GLN B 449 -7.10 42.12 -6.34
CA GLN B 449 -8.53 41.98 -6.66
C GLN B 449 -9.19 40.90 -5.82
N VAL B 450 -8.40 40.06 -5.15
CA VAL B 450 -8.97 38.88 -4.47
C VAL B 450 -9.08 39.04 -2.96
N SER B 451 -7.93 39.21 -2.32
CA SER B 451 -7.90 39.17 -0.86
C SER B 451 -6.55 39.59 -0.34
N GLN B 452 -6.59 40.37 0.72
CA GLN B 452 -5.41 40.82 1.42
C GLN B 452 -4.84 39.77 2.39
N LEU B 453 -5.55 38.65 2.57
CA LEU B 453 -5.12 37.60 3.51
C LEU B 453 -4.31 36.50 2.83
N LEU B 454 -4.06 36.65 1.53
CA LEU B 454 -3.27 35.70 0.76
C LEU B 454 -1.78 35.90 0.97
N PRO B 455 -0.96 34.93 0.54
CA PRO B 455 0.49 35.08 0.71
C PRO B 455 1.05 36.31 -0.01
N GLU B 456 2.04 36.94 0.57
CA GLU B 456 2.74 38.03 -0.09
C GLU B 456 3.90 37.51 -0.93
N LYS B 457 4.44 36.35 -0.56
CA LYS B 457 5.47 35.67 -1.35
C LYS B 457 5.02 34.26 -1.69
N PHE B 458 5.63 33.68 -2.72
CA PHE B 458 5.22 32.37 -3.21
C PHE B 458 6.33 31.33 -3.22
N ALA B 459 7.46 31.69 -2.63
CA ALA B 459 8.60 30.79 -2.51
C ALA B 459 9.41 31.16 -1.26
N GLU B 460 9.99 30.14 -0.66
CA GLU B 460 10.88 30.32 0.48
C GLU B 460 11.72 29.09 0.63
N GLN B 461 12.73 29.19 1.48
CA GLN B 461 13.60 28.06 1.76
C GLN B 461 13.55 27.71 3.23
N LEU B 462 13.51 26.41 3.49
CA LEU B 462 13.66 25.90 4.84
C LEU B 462 15.00 25.18 4.91
N ILE B 463 15.73 25.46 5.98
CA ILE B 463 17.04 24.84 6.20
C ILE B 463 17.01 23.95 7.42
N ARG B 464 17.04 22.64 7.21
CA ARG B 464 17.08 21.70 8.31
C ARG B 464 18.52 21.26 8.54
N VAL B 465 18.88 21.12 9.80
CA VAL B 465 20.21 20.65 10.20
C VAL B 465 20.03 19.41 11.04
N TYR B 466 20.86 18.40 10.74
CA TYR B 466 20.85 17.15 11.48
C TYR B 466 22.27 16.81 11.92
N CYS B 467 22.38 15.90 12.88
CA CYS B 467 23.69 15.44 13.36
C CYS B 467 23.77 13.92 13.30
N LYS B 468 24.87 13.41 12.76
CA LYS B 468 25.09 11.95 12.66
C LYS B 468 25.58 11.34 13.96
N LYS B 469 26.08 12.16 14.86
CA LYS B 469 26.42 11.70 16.21
C LYS B 469 25.17 11.78 17.08
N VAL B 470 24.74 10.64 17.59
CA VAL B 470 23.39 10.55 18.18
C VAL B 470 23.35 10.59 19.71
N ASP B 471 24.51 10.58 20.36
CA ASP B 471 24.54 10.62 21.82
C ASP B 471 24.13 11.99 22.33
N ARG B 472 23.73 12.02 23.61
CA ARG B 472 23.20 13.21 24.26
C ARG B 472 24.17 14.40 24.22
N LYS B 473 25.43 14.11 24.49
CA LYS B 473 26.46 15.15 24.51
C LYS B 473 26.69 15.76 23.12
N SER B 474 26.75 14.92 22.10
CA SER B 474 26.95 15.39 20.72
C SER B 474 25.75 16.22 20.26
N LEU B 475 24.56 15.75 20.59
CA LEU B 475 23.33 16.46 20.23
C LEU B 475 23.24 17.83 20.87
N TYR B 476 23.57 17.89 22.17
CA TYR B 476 23.59 19.17 22.87
C TYR B 476 24.60 20.12 22.21
N ALA B 477 25.77 19.60 21.87
CA ALA B 477 26.78 20.40 21.18
C ALA B 477 26.26 20.88 19.82
N ALA B 478 25.69 19.95 19.06
CA ALA B 478 25.21 20.29 17.68
C ALA B 478 24.23 21.45 17.72
N ARG B 479 23.36 21.46 18.74
CA ARG B 479 22.40 22.53 18.91
C ARG B 479 23.08 23.86 19.10
N GLN B 480 24.18 23.87 19.87
CA GLN B 480 24.92 25.11 20.07
C GLN B 480 25.60 25.59 18.77
N TYR B 481 26.25 24.68 18.08
CA TYR B 481 26.84 25.02 16.75
C TYR B 481 25.77 25.57 15.78
N PHE B 482 24.64 24.88 15.73
CA PHE B 482 23.53 25.25 14.83
C PHE B 482 22.99 26.64 15.09
N VAL B 483 22.62 26.92 16.33
CA VAL B 483 22.04 28.22 16.66
C VAL B 483 23.07 29.30 16.48
N GLN B 484 24.33 29.00 16.81
CA GLN B 484 25.40 29.98 16.61
C GLN B 484 25.51 30.31 15.12
N TRP B 485 25.47 29.27 14.31
CA TRP B 485 25.52 29.43 12.84
C TRP B 485 24.37 30.29 12.32
N CYS B 486 23.15 30.01 12.80
CA CYS B 486 21.99 30.85 12.46
C CYS B 486 22.25 32.30 12.78
N ALA B 487 22.81 32.56 13.97
CA ALA B 487 23.13 33.94 14.40
C ALA B 487 24.16 34.59 13.49
N ASP B 488 25.24 33.87 13.21
CA ASP B 488 26.30 34.36 12.33
C ASP B 488 25.78 34.70 10.93
N ARG B 489 24.88 33.88 10.41
CA ARG B 489 24.34 34.07 9.04
C ARG B 489 23.14 35.01 8.95
N ASN B 490 22.73 35.57 10.08
CA ASN B 490 21.50 36.35 10.17
C ASN B 490 20.27 35.61 9.68
N PHE B 491 20.25 34.31 9.93
CA PHE B 491 19.08 33.50 9.62
C PHE B 491 18.05 33.73 10.70
N THR B 492 16.85 33.19 10.52
CA THR B 492 15.81 33.37 11.52
C THR B 492 16.12 32.58 12.79
N LYS B 493 15.60 33.08 13.90
CA LYS B 493 15.74 32.41 15.17
C LYS B 493 14.97 31.11 15.14
N PRO B 494 15.66 29.97 15.35
CA PRO B 494 14.90 28.74 15.45
C PRO B 494 13.78 28.83 16.50
N GLN B 495 12.69 28.13 16.24
CA GLN B 495 11.48 28.23 17.06
C GLN B 495 11.70 27.82 18.51
N ASP B 496 12.56 26.82 18.68
CA ASP B 496 12.95 26.33 19.99
C ASP B 496 14.31 26.88 20.43
N GLY B 497 14.74 27.98 19.83
CA GLY B 497 16.09 28.51 20.04
C GLY B 497 16.43 28.79 21.50
N ASP B 498 15.54 29.49 22.18
CA ASP B 498 15.73 29.83 23.60
C ASP B 498 15.77 28.61 24.49
N VAL B 499 15.18 27.52 24.02
CA VAL B 499 15.19 26.28 24.77
C VAL B 499 16.41 25.43 24.45
N ILE B 500 16.74 25.27 23.17
CA ILE B 500 17.86 24.38 22.79
C ILE B 500 19.22 25.04 23.01
N ALA B 501 19.25 26.36 22.91
CA ALA B 501 20.51 27.11 23.04
C ALA B 501 20.32 28.43 23.80
N PRO B 502 19.90 28.36 25.08
CA PRO B 502 19.63 29.59 25.84
C PRO B 502 20.83 30.52 25.96
N LEU B 503 22.04 29.96 25.95
CA LEU B 503 23.26 30.78 26.06
C LEU B 503 23.63 31.49 24.77
N ILE B 504 23.03 31.07 23.66
CA ILE B 504 23.39 31.59 22.33
C ILE B 504 22.44 32.69 21.88
N THR B 505 21.14 32.50 22.12
CA THR B 505 20.12 33.43 21.61
C THR B 505 20.22 34.90 22.07
N PRO B 506 20.67 35.16 23.32
CA PRO B 506 20.75 36.56 23.77
C PRO B 506 21.70 37.44 22.94
N GLN B 507 22.77 36.83 22.41
CA GLN B 507 23.77 37.58 21.63
C GLN B 507 23.15 38.33 20.45
N LYS B 508 22.06 37.79 19.91
CA LYS B 508 21.43 38.34 18.73
C LYS B 508 20.23 39.17 19.17
N LYS B 509 20.34 40.49 19.08
CA LYS B 509 19.25 41.36 19.55
C LYS B 509 18.20 41.60 18.47
N GLU B 510 18.55 41.28 17.23
CA GLU B 510 17.53 41.21 16.16
C GLU B 510 16.51 40.12 16.52
N TRP B 511 16.97 39.11 17.25
CA TRP B 511 16.12 38.04 17.80
C TRP B 511 15.37 38.41 19.09
N ASN B 512 15.84 39.44 19.80
CA ASN B 512 15.20 39.90 21.03
C ASN B 512 15.02 41.41 21.02
#